data_2L5U
#
_entry.id   2L5U
#
loop_
_entity.id
_entity.type
_entity.pdbx_description
1 polymer 'Chromodomain-helicase-DNA-binding protein 4'
2 non-polymer 'ZINC ION'
#
_entity_poly.entity_id   1
_entity_poly.type   'polypeptide(L)'
_entity_poly.pdbx_seq_one_letter_code
;GPLGSYETDHQDYCEVCQQGGEIILCDTCPRAYHMVCLDPDMEKAPEGKWSCPHCEKEGIQ
;
_entity_poly.pdbx_strand_id   A
#
loop_
_chem_comp.id
_chem_comp.type
_chem_comp.name
_chem_comp.formula
ZN non-polymer 'ZINC ION' 'Zn 2'
#
# COMPACT_ATOMS: atom_id res chain seq x y z
N GLY A 1 2.73 1.26 -9.71
CA GLY A 1 2.75 2.75 -9.74
C GLY A 1 3.31 3.33 -8.46
N PRO A 2 4.14 4.38 -8.57
CA PRO A 2 4.78 4.99 -7.39
C PRO A 2 3.81 5.89 -6.61
N LEU A 3 3.91 5.83 -5.29
CA LEU A 3 3.09 6.66 -4.43
C LEU A 3 3.74 8.02 -4.20
N GLY A 4 5.03 8.09 -4.47
CA GLY A 4 5.80 9.29 -4.23
C GLY A 4 6.96 9.02 -3.31
N SER A 5 6.82 9.39 -2.05
CA SER A 5 7.85 9.15 -1.06
C SER A 5 7.42 8.07 -0.07
N TYR A 6 8.11 6.94 -0.10
CA TYR A 6 7.85 5.85 0.84
C TYR A 6 9.15 5.47 1.54
N GLU A 7 9.02 4.90 2.73
CA GLU A 7 10.18 4.53 3.55
C GLU A 7 10.96 3.38 2.91
N THR A 8 10.39 2.20 2.99
CA THR A 8 11.05 1.01 2.51
C THR A 8 10.73 0.77 1.03
N ASP A 9 11.69 0.24 0.31
CA ASP A 9 11.49 -0.15 -1.07
C ASP A 9 10.63 -1.41 -1.13
N HIS A 10 9.78 -1.51 -2.13
CA HIS A 10 8.85 -2.63 -2.21
C HIS A 10 8.48 -2.92 -3.66
N GLN A 11 7.81 -4.05 -3.84
CA GLN A 11 7.37 -4.51 -5.14
C GLN A 11 6.42 -3.51 -5.80
N ASP A 12 6.24 -3.64 -7.10
CA ASP A 12 5.31 -2.79 -7.84
C ASP A 12 4.16 -3.64 -8.37
N TYR A 13 3.79 -4.65 -7.61
CA TYR A 13 2.68 -5.53 -7.98
C TYR A 13 1.89 -5.92 -6.74
N CYS A 14 0.62 -6.22 -6.94
CA CYS A 14 -0.27 -6.62 -5.86
C CYS A 14 0.09 -8.02 -5.39
N GLU A 15 0.29 -8.17 -4.10
CA GLU A 15 0.54 -9.49 -3.53
C GLU A 15 -0.77 -10.28 -3.44
N VAL A 16 -1.88 -9.61 -3.69
CA VAL A 16 -3.19 -10.26 -3.65
C VAL A 16 -3.63 -10.67 -5.05
N CYS A 17 -3.55 -9.73 -6.01
CA CYS A 17 -3.97 -10.03 -7.38
C CYS A 17 -2.80 -10.54 -8.23
N GLN A 18 -1.58 -10.32 -7.74
CA GLN A 18 -0.36 -10.71 -8.43
C GLN A 18 -0.20 -9.90 -9.71
N GLN A 19 -0.57 -8.63 -9.65
CA GLN A 19 -0.44 -7.71 -10.77
C GLN A 19 -0.29 -6.29 -10.26
N GLY A 20 0.46 -5.48 -10.98
CA GLY A 20 0.69 -4.11 -10.55
C GLY A 20 -0.40 -3.16 -11.01
N GLY A 21 0.01 -2.04 -11.56
CA GLY A 21 -0.93 -1.04 -12.02
C GLY A 21 -1.23 -0.03 -10.94
N GLU A 22 -2.51 0.21 -10.68
CA GLU A 22 -2.92 1.16 -9.66
C GLU A 22 -2.92 0.51 -8.27
N ILE A 23 -1.77 0.02 -7.86
CA ILE A 23 -1.60 -0.56 -6.55
C ILE A 23 -1.19 0.52 -5.55
N ILE A 24 -1.32 0.23 -4.27
CA ILE A 24 -0.90 1.16 -3.26
C ILE A 24 0.28 0.58 -2.51
N LEU A 25 1.30 1.39 -2.29
CA LEU A 25 2.47 0.95 -1.60
C LEU A 25 2.49 1.56 -0.20
N CYS A 26 2.43 0.71 0.82
CA CYS A 26 2.53 1.23 2.18
C CYS A 26 3.76 2.10 2.31
N ASP A 27 3.62 3.21 3.01
CA ASP A 27 4.70 4.16 3.18
C ASP A 27 5.75 3.59 4.12
N THR A 28 5.42 2.49 4.78
CA THR A 28 6.31 1.89 5.75
C THR A 28 6.67 0.44 5.41
N CYS A 29 5.66 -0.35 5.06
CA CYS A 29 5.89 -1.78 4.82
C CYS A 29 6.31 -2.05 3.38
N PRO A 30 6.96 -3.20 3.14
CA PRO A 30 7.32 -3.66 1.81
C PRO A 30 6.11 -4.27 1.08
N ARG A 31 4.92 -3.86 1.48
CA ARG A 31 3.70 -4.39 0.90
C ARG A 31 3.31 -3.60 -0.34
N ALA A 32 2.52 -4.24 -1.20
CA ALA A 32 2.01 -3.59 -2.39
C ALA A 32 0.79 -4.33 -2.89
N TYR A 33 -0.34 -3.64 -2.91
CA TYR A 33 -1.60 -4.20 -3.36
C TYR A 33 -2.58 -3.09 -3.71
N HIS A 34 -3.58 -3.39 -4.53
CA HIS A 34 -4.57 -2.38 -4.91
C HIS A 34 -5.48 -2.07 -3.71
N MET A 35 -6.24 -1.00 -3.82
CA MET A 35 -7.15 -0.59 -2.74
C MET A 35 -8.28 -1.60 -2.57
N VAL A 36 -8.75 -2.15 -3.68
CA VAL A 36 -9.92 -3.00 -3.70
C VAL A 36 -9.67 -4.35 -3.02
N CYS A 37 -8.44 -4.84 -3.15
CA CYS A 37 -8.04 -6.11 -2.56
C CYS A 37 -7.80 -5.97 -1.06
N LEU A 38 -7.51 -4.73 -0.66
CA LEU A 38 -7.35 -4.41 0.74
C LEU A 38 -8.71 -4.31 1.42
N ASP A 39 -9.56 -3.47 0.85
CA ASP A 39 -10.89 -3.21 1.40
C ASP A 39 -11.70 -2.37 0.42
N PRO A 40 -12.84 -2.90 -0.06
CA PRO A 40 -13.74 -2.15 -0.94
C PRO A 40 -14.30 -0.91 -0.25
N ASP A 41 -14.28 -0.93 1.08
CA ASP A 41 -14.78 0.18 1.89
C ASP A 41 -13.75 1.30 1.96
N MET A 42 -12.49 0.98 1.70
CA MET A 42 -11.43 1.97 1.77
C MET A 42 -11.50 2.88 0.55
N GLU A 43 -11.94 4.11 0.77
CA GLU A 43 -12.12 5.07 -0.31
C GLU A 43 -11.15 6.24 -0.17
N LYS A 44 -10.62 6.42 1.04
CA LYS A 44 -9.69 7.50 1.30
C LYS A 44 -8.42 7.32 0.47
N ALA A 45 -8.23 8.23 -0.47
CA ALA A 45 -7.10 8.15 -1.39
C ALA A 45 -5.77 8.27 -0.66
N PRO A 46 -4.76 7.52 -1.13
CA PRO A 46 -3.41 7.58 -0.57
C PRO A 46 -2.70 8.88 -0.93
N GLU A 47 -2.68 9.82 -0.01
CA GLU A 47 -2.05 11.11 -0.24
C GLU A 47 -0.80 11.26 0.61
N GLY A 48 0.35 11.04 -0.01
CA GLY A 48 1.61 11.17 0.70
C GLY A 48 1.85 10.02 1.65
N LYS A 49 1.59 10.25 2.93
CA LYS A 49 1.76 9.22 3.94
C LYS A 49 0.54 8.31 3.94
N TRP A 50 0.68 7.15 3.34
CA TRP A 50 -0.35 6.15 3.35
C TRP A 50 0.22 4.86 3.91
N SER A 51 -0.22 4.51 5.10
CA SER A 51 0.21 3.26 5.70
C SER A 51 -0.85 2.20 5.49
N CYS A 52 -0.41 1.02 5.07
CA CYS A 52 -1.29 -0.09 4.79
C CYS A 52 -2.23 -0.40 5.97
N PRO A 53 -3.37 -1.04 5.69
CA PRO A 53 -4.31 -1.49 6.73
C PRO A 53 -3.74 -2.62 7.58
N HIS A 54 -2.63 -3.20 7.10
CA HIS A 54 -1.96 -4.27 7.84
C HIS A 54 -1.11 -3.65 8.95
N CYS A 55 -0.68 -2.42 8.72
CA CYS A 55 0.12 -1.66 9.66
C CYS A 55 -0.48 -1.67 11.06
N GLU A 56 -1.76 -1.34 11.15
CA GLU A 56 -2.44 -1.25 12.44
C GLU A 56 -2.54 -2.62 13.10
N LYS A 57 -2.45 -3.68 12.30
CA LYS A 57 -2.53 -5.04 12.81
C LYS A 57 -1.17 -5.49 13.35
N GLU A 58 -0.12 -4.79 12.95
CA GLU A 58 1.24 -5.11 13.38
C GLU A 58 1.55 -4.42 14.70
N GLY A 59 0.59 -3.66 15.20
CA GLY A 59 0.78 -2.98 16.46
C GLY A 59 0.31 -3.82 17.63
N ILE A 60 0.78 -3.49 18.83
CA ILE A 60 0.46 -4.26 20.02
C ILE A 60 -0.80 -3.69 20.68
N GLN A 61 -1.84 -3.53 19.89
CA GLN A 61 -3.10 -3.02 20.40
C GLN A 61 -4.04 -4.17 20.72
ZN ZN B . 2.20 -0.84 6.53
ZN ZN C . -4.93 -6.20 -6.05
N GLY A 1 14.87 13.17 -2.05
CA GLY A 1 15.45 11.80 -2.03
C GLY A 1 14.53 10.80 -2.70
N PRO A 2 14.93 9.53 -2.78
CA PRO A 2 14.12 8.47 -3.39
C PRO A 2 12.97 8.02 -2.49
N LEU A 3 12.24 8.98 -1.94
CA LEU A 3 11.13 8.71 -1.05
C LEU A 3 10.11 9.85 -1.13
N GLY A 4 9.02 9.73 -0.39
CA GLY A 4 8.01 10.76 -0.39
C GLY A 4 6.84 10.39 0.49
N SER A 5 5.77 9.91 -0.12
CA SER A 5 4.63 9.38 0.61
C SER A 5 5.04 8.11 1.32
N TYR A 6 5.84 7.29 0.64
CA TYR A 6 6.34 6.05 1.20
C TYR A 6 7.77 6.22 1.70
N GLU A 7 8.19 5.33 2.58
CA GLU A 7 9.51 5.41 3.20
C GLU A 7 10.54 4.61 2.41
N THR A 8 10.26 3.33 2.22
CA THR A 8 11.24 2.42 1.65
C THR A 8 10.80 1.88 0.30
N ASP A 9 11.75 1.28 -0.40
CA ASP A 9 11.49 0.63 -1.69
C ASP A 9 10.65 -0.62 -1.48
N HIS A 10 9.86 -0.97 -2.49
CA HIS A 10 8.95 -2.10 -2.40
C HIS A 10 8.52 -2.58 -3.77
N GLN A 11 7.83 -3.71 -3.78
CA GLN A 11 7.39 -4.36 -5.01
C GLN A 11 6.43 -3.48 -5.82
N ASP A 12 6.32 -3.81 -7.11
CA ASP A 12 5.44 -3.08 -8.01
C ASP A 12 4.28 -3.97 -8.46
N TYR A 13 3.75 -4.75 -7.52
CA TYR A 13 2.66 -5.67 -7.81
C TYR A 13 1.87 -6.00 -6.55
N CYS A 14 0.61 -6.37 -6.73
CA CYS A 14 -0.29 -6.68 -5.64
C CYS A 14 0.07 -7.99 -4.99
N GLU A 15 0.03 -8.03 -3.67
CA GLU A 15 0.24 -9.26 -2.94
C GLU A 15 -1.01 -10.13 -2.98
N VAL A 16 -2.15 -9.53 -3.32
CA VAL A 16 -3.43 -10.23 -3.31
C VAL A 16 -3.82 -10.70 -4.70
N CYS A 17 -3.55 -9.88 -5.72
CA CYS A 17 -3.87 -10.25 -7.09
C CYS A 17 -2.61 -10.69 -7.85
N GLN A 18 -1.45 -10.34 -7.29
CA GLN A 18 -0.16 -10.61 -7.93
C GLN A 18 -0.06 -9.88 -9.26
N GLN A 19 -0.66 -8.69 -9.30
CA GLN A 19 -0.63 -7.86 -10.48
C GLN A 19 -0.38 -6.42 -10.09
N GLY A 20 0.43 -5.72 -10.86
CA GLY A 20 0.73 -4.33 -10.54
C GLY A 20 -0.29 -3.37 -11.11
N GLY A 21 0.17 -2.16 -11.43
CA GLY A 21 -0.71 -1.17 -12.00
C GLY A 21 -1.27 -0.24 -10.94
N GLU A 22 -2.59 -0.28 -10.77
CA GLU A 22 -3.28 0.58 -9.81
C GLU A 22 -3.15 0.04 -8.39
N ILE A 23 -1.91 -0.12 -7.93
CA ILE A 23 -1.65 -0.62 -6.60
C ILE A 23 -1.22 0.51 -5.67
N ILE A 24 -1.41 0.32 -4.38
CA ILE A 24 -0.98 1.28 -3.40
C ILE A 24 0.28 0.77 -2.72
N LEU A 25 1.22 1.66 -2.49
CA LEU A 25 2.46 1.29 -1.84
C LEU A 25 2.48 1.79 -0.41
N CYS A 26 2.44 0.86 0.55
CA CYS A 26 2.53 1.22 1.97
C CYS A 26 3.81 2.01 2.21
N ASP A 27 3.76 2.92 3.15
CA ASP A 27 4.91 3.73 3.46
C ASP A 27 5.87 2.96 4.36
N THR A 28 5.36 1.98 5.10
CA THR A 28 6.21 1.22 6.02
C THR A 28 6.51 -0.18 5.47
N CYS A 29 5.62 -0.72 4.65
CA CYS A 29 5.79 -2.07 4.13
C CYS A 29 6.70 -2.10 2.90
N PRO A 30 7.28 -3.28 2.63
CA PRO A 30 7.94 -3.57 1.38
C PRO A 30 6.97 -4.26 0.41
N ARG A 31 5.68 -4.14 0.72
CA ARG A 31 4.63 -4.79 -0.06
C ARG A 31 3.84 -3.76 -0.86
N ALA A 32 2.92 -4.25 -1.68
CA ALA A 32 2.05 -3.40 -2.48
C ALA A 32 0.82 -4.17 -2.93
N TYR A 33 -0.32 -3.48 -3.03
CA TYR A 33 -1.58 -4.10 -3.44
C TYR A 33 -2.59 -3.03 -3.87
N HIS A 34 -3.59 -3.43 -4.66
CA HIS A 34 -4.60 -2.47 -5.10
C HIS A 34 -5.47 -2.06 -3.92
N MET A 35 -6.18 -0.95 -4.04
CA MET A 35 -7.02 -0.45 -2.96
C MET A 35 -8.22 -1.36 -2.70
N VAL A 36 -8.68 -2.01 -3.76
CA VAL A 36 -9.88 -2.83 -3.70
C VAL A 36 -9.66 -4.15 -2.95
N CYS A 37 -8.45 -4.69 -3.11
CA CYS A 37 -8.09 -5.97 -2.49
C CYS A 37 -7.81 -5.78 -1.00
N LEU A 38 -7.44 -4.57 -0.64
CA LEU A 38 -7.12 -4.23 0.74
C LEU A 38 -8.36 -4.29 1.63
N ASP A 39 -9.39 -3.57 1.24
CA ASP A 39 -10.62 -3.50 2.01
C ASP A 39 -11.81 -3.32 1.08
N PRO A 40 -12.79 -4.23 1.17
CA PRO A 40 -13.99 -4.18 0.32
C PRO A 40 -14.65 -2.81 0.29
N ASP A 41 -14.78 -2.17 1.45
CA ASP A 41 -15.41 -0.86 1.54
C ASP A 41 -14.37 0.24 1.70
N MET A 42 -13.23 0.07 1.06
CA MET A 42 -12.19 1.10 1.06
C MET A 42 -12.59 2.22 0.10
N GLU A 43 -12.88 3.39 0.65
CA GLU A 43 -13.28 4.52 -0.14
C GLU A 43 -12.26 5.65 -0.02
N LYS A 44 -11.38 5.54 0.97
CA LYS A 44 -10.37 6.56 1.22
C LYS A 44 -9.20 6.41 0.26
N ALA A 45 -8.51 7.51 0.01
CA ALA A 45 -7.35 7.52 -0.88
C ALA A 45 -6.06 7.51 -0.07
N PRO A 46 -4.91 7.23 -0.71
CA PRO A 46 -3.58 7.35 -0.08
C PRO A 46 -3.18 8.82 0.12
N GLU A 47 -3.93 9.51 0.97
CA GLU A 47 -3.71 10.93 1.21
C GLU A 47 -2.51 11.16 2.14
N GLY A 48 -1.49 11.81 1.61
CA GLY A 48 -0.32 12.15 2.41
C GLY A 48 0.48 10.92 2.81
N LYS A 49 0.71 10.77 4.10
CA LYS A 49 1.40 9.60 4.62
C LYS A 49 0.42 8.46 4.75
N TRP A 50 0.63 7.41 3.96
CA TRP A 50 -0.31 6.30 3.90
C TRP A 50 0.32 5.03 4.44
N SER A 51 -0.13 4.61 5.60
CA SER A 51 0.23 3.32 6.13
C SER A 51 -0.88 2.32 5.82
N CYS A 52 -0.49 1.18 5.28
CA CYS A 52 -1.44 0.14 4.88
C CYS A 52 -2.32 -0.32 6.05
N PRO A 53 -3.48 -0.94 5.72
CA PRO A 53 -4.35 -1.56 6.70
C PRO A 53 -3.80 -2.89 7.24
N HIS A 54 -2.57 -3.22 6.86
CA HIS A 54 -1.88 -4.34 7.46
C HIS A 54 -1.12 -3.85 8.69
N CYS A 55 -0.42 -2.73 8.50
CA CYS A 55 0.46 -2.16 9.50
C CYS A 55 -0.26 -1.81 10.81
N GLU A 56 -1.43 -1.20 10.69
CA GLU A 56 -2.18 -0.80 11.88
C GLU A 56 -2.59 -2.03 12.69
N LYS A 57 -2.95 -3.10 12.00
CA LYS A 57 -3.30 -4.36 12.65
C LYS A 57 -2.06 -5.05 13.19
N GLU A 58 -0.92 -4.77 12.56
CA GLU A 58 0.36 -5.36 12.98
C GLU A 58 0.79 -4.79 14.33
N GLY A 59 0.28 -3.61 14.67
CA GLY A 59 0.56 -3.02 15.96
C GLY A 59 1.77 -2.12 15.95
N ILE A 60 2.00 -1.45 14.84
CA ILE A 60 3.09 -0.49 14.74
C ILE A 60 2.56 0.92 14.95
N GLN A 61 2.65 1.39 16.18
CA GLN A 61 2.16 2.73 16.53
C GLN A 61 3.15 3.42 17.46
ZN ZN B . 2.21 -1.59 5.84
ZN ZN C . -4.97 -6.37 -6.00
N GLY A 1 9.75 0.11 -8.47
CA GLY A 1 10.60 0.25 -9.67
C GLY A 1 12.06 0.12 -9.33
N PRO A 2 12.96 0.41 -10.29
CA PRO A 2 14.40 0.42 -10.04
C PRO A 2 14.77 1.48 -9.01
N LEU A 3 13.93 2.50 -8.91
CA LEU A 3 14.13 3.56 -7.94
C LEU A 3 12.92 3.66 -7.02
N GLY A 4 13.16 3.98 -5.76
CA GLY A 4 12.08 4.11 -4.81
C GLY A 4 11.52 5.52 -4.80
N SER A 5 11.02 5.97 -5.94
CA SER A 5 10.50 7.32 -6.09
C SER A 5 9.11 7.47 -5.46
N TYR A 6 8.97 6.95 -4.26
CA TYR A 6 7.75 7.09 -3.47
C TYR A 6 8.12 7.07 -2.00
N GLU A 7 8.43 5.87 -1.51
CA GLU A 7 8.90 5.69 -0.14
C GLU A 7 9.51 4.31 0.00
N THR A 8 10.73 4.26 0.52
CA THR A 8 11.50 3.02 0.65
C THR A 8 11.49 2.21 -0.65
N ASP A 9 11.54 0.90 -0.53
CA ASP A 9 11.40 0.01 -1.68
C ASP A 9 10.52 -1.16 -1.31
N HIS A 10 9.50 -1.39 -2.12
CA HIS A 10 8.54 -2.46 -1.88
C HIS A 10 8.06 -3.04 -3.19
N GLN A 11 7.41 -4.20 -3.11
CA GLN A 11 6.97 -4.95 -4.28
C GLN A 11 6.22 -4.08 -5.28
N ASP A 12 6.39 -4.40 -6.55
CA ASP A 12 5.76 -3.66 -7.64
C ASP A 12 4.53 -4.41 -8.12
N TYR A 13 3.96 -5.21 -7.24
CA TYR A 13 2.82 -6.04 -7.59
C TYR A 13 1.88 -6.21 -6.39
N CYS A 14 0.62 -6.50 -6.70
CA CYS A 14 -0.40 -6.72 -5.70
C CYS A 14 -0.18 -8.03 -4.97
N GLU A 15 -0.11 -7.98 -3.65
CA GLU A 15 0.04 -9.20 -2.87
C GLU A 15 -1.27 -9.98 -2.84
N VAL A 16 -2.36 -9.30 -3.17
CA VAL A 16 -3.67 -9.90 -3.09
C VAL A 16 -4.12 -10.52 -4.43
N CYS A 17 -3.97 -9.78 -5.53
CA CYS A 17 -4.41 -10.30 -6.82
C CYS A 17 -3.24 -10.46 -7.80
N GLN A 18 -2.03 -10.21 -7.30
CA GLN A 18 -0.81 -10.42 -8.08
C GLN A 18 -0.75 -9.50 -9.29
N GLN A 19 -0.46 -8.22 -9.01
CA GLN A 19 -0.29 -7.18 -10.03
C GLN A 19 -1.64 -6.70 -10.55
N GLY A 20 -1.69 -6.30 -11.82
CA GLY A 20 -2.95 -5.89 -12.40
C GLY A 20 -2.93 -4.44 -12.87
N GLY A 21 -2.51 -3.53 -11.98
CA GLY A 21 -2.50 -2.13 -12.33
C GLY A 21 -1.99 -1.25 -11.22
N GLU A 22 -2.69 -0.14 -10.99
CA GLU A 22 -2.27 0.86 -10.01
C GLU A 22 -2.53 0.40 -8.59
N ILE A 23 -1.52 -0.21 -8.00
CA ILE A 23 -1.55 -0.61 -6.61
C ILE A 23 -1.07 0.52 -5.72
N ILE A 24 -1.38 0.44 -4.43
CA ILE A 24 -0.97 1.49 -3.51
C ILE A 24 0.34 1.09 -2.84
N LEU A 25 1.27 2.01 -2.78
CA LEU A 25 2.55 1.75 -2.16
C LEU A 25 2.62 2.38 -0.78
N CYS A 26 2.58 1.53 0.23
CA CYS A 26 2.58 1.94 1.63
C CYS A 26 3.82 2.77 1.99
N ASP A 27 3.70 3.46 3.13
CA ASP A 27 4.78 4.27 3.68
C ASP A 27 5.86 3.41 4.33
N THR A 28 5.43 2.33 4.98
CA THR A 28 6.31 1.61 5.88
C THR A 28 6.73 0.24 5.36
N CYS A 29 5.76 -0.63 5.06
CA CYS A 29 6.06 -2.01 4.79
C CYS A 29 6.56 -2.23 3.36
N PRO A 30 7.27 -3.34 3.12
CA PRO A 30 7.69 -3.73 1.79
C PRO A 30 6.58 -4.44 1.02
N ARG A 31 5.34 -4.03 1.28
CA ARG A 31 4.18 -4.64 0.65
C ARG A 31 3.47 -3.65 -0.27
N ALA A 32 2.60 -4.18 -1.12
CA ALA A 32 1.82 -3.37 -2.04
C ALA A 32 0.60 -4.13 -2.53
N TYR A 33 -0.53 -3.44 -2.67
CA TYR A 33 -1.74 -4.05 -3.21
C TYR A 33 -2.71 -2.97 -3.68
N HIS A 34 -3.74 -3.40 -4.41
CA HIS A 34 -4.78 -2.48 -4.86
C HIS A 34 -5.65 -2.07 -3.68
N MET A 35 -6.33 -0.95 -3.80
CA MET A 35 -7.28 -0.52 -2.79
C MET A 35 -8.39 -1.56 -2.64
N VAL A 36 -8.87 -2.03 -3.79
CA VAL A 36 -9.94 -3.01 -3.85
C VAL A 36 -9.53 -4.34 -3.23
N CYS A 37 -8.30 -4.76 -3.52
CA CYS A 37 -7.80 -6.04 -3.05
C CYS A 37 -7.39 -5.99 -1.58
N LEU A 38 -6.98 -4.82 -1.12
CA LEU A 38 -6.62 -4.62 0.27
C LEU A 38 -7.88 -4.66 1.13
N ASP A 39 -8.86 -3.89 0.71
CA ASP A 39 -10.16 -3.83 1.37
C ASP A 39 -11.21 -3.38 0.37
N PRO A 40 -12.18 -4.27 0.06
CA PRO A 40 -13.17 -4.02 -1.00
C PRO A 40 -13.91 -2.69 -0.86
N ASP A 41 -14.13 -2.26 0.37
CA ASP A 41 -14.90 -1.04 0.63
C ASP A 41 -14.00 0.13 1.00
N MET A 42 -12.70 -0.09 0.94
CA MET A 42 -11.75 0.95 1.29
C MET A 42 -11.62 1.97 0.16
N GLU A 43 -11.90 3.23 0.49
CA GLU A 43 -11.76 4.32 -0.47
C GLU A 43 -10.84 5.39 0.09
N LYS A 44 -9.86 4.97 0.86
CA LYS A 44 -8.92 5.90 1.46
C LYS A 44 -7.68 6.03 0.59
N ALA A 45 -7.76 6.95 -0.35
CA ALA A 45 -6.64 7.21 -1.26
C ALA A 45 -5.45 7.80 -0.52
N PRO A 46 -4.23 7.50 -0.98
CA PRO A 46 -3.00 8.00 -0.37
C PRO A 46 -2.79 9.49 -0.69
N GLU A 47 -3.41 10.34 0.10
CA GLU A 47 -3.36 11.79 -0.13
C GLU A 47 -1.98 12.36 0.20
N GLY A 48 -1.14 11.54 0.81
CA GLY A 48 0.19 11.98 1.16
C GLY A 48 0.81 11.06 2.18
N LYS A 49 0.18 10.99 3.35
CA LYS A 49 0.57 10.05 4.38
C LYS A 49 -0.37 8.85 4.34
N TRP A 50 0.18 7.69 4.07
CA TRP A 50 -0.62 6.51 3.87
C TRP A 50 0.09 5.26 4.37
N SER A 51 -0.25 4.84 5.56
CA SER A 51 0.23 3.58 6.09
C SER A 51 -0.88 2.55 6.06
N CYS A 52 -0.65 1.48 5.32
CA CYS A 52 -1.65 0.46 5.09
C CYS A 52 -2.24 -0.12 6.38
N PRO A 53 -3.47 -0.65 6.30
CA PRO A 53 -4.10 -1.36 7.41
C PRO A 53 -3.34 -2.62 7.81
N HIS A 54 -2.45 -3.10 6.93
CA HIS A 54 -1.60 -4.24 7.25
C HIS A 54 -0.57 -3.83 8.30
N CYS A 55 0.03 -2.67 8.07
CA CYS A 55 0.99 -2.10 9.00
C CYS A 55 0.35 -1.89 10.38
N GLU A 56 -0.90 -1.47 10.38
CA GLU A 56 -1.61 -1.24 11.63
C GLU A 56 -2.11 -2.55 12.22
N LYS A 57 -2.38 -3.53 11.36
CA LYS A 57 -2.85 -4.83 11.80
C LYS A 57 -1.76 -5.59 12.54
N GLU A 58 -0.62 -5.74 11.86
CA GLU A 58 0.48 -6.51 12.41
C GLU A 58 1.48 -5.60 13.13
N GLY A 59 1.10 -4.35 13.29
CA GLY A 59 1.94 -3.41 14.02
C GLY A 59 1.81 -3.59 15.51
N ILE A 60 2.93 -3.89 16.16
CA ILE A 60 2.94 -4.16 17.58
C ILE A 60 3.84 -3.17 18.30
N GLN A 61 3.24 -2.35 19.14
CA GLN A 61 4.00 -1.37 19.92
C GLN A 61 3.95 -1.75 21.39
ZN ZN B . 2.09 -1.05 5.20
ZN ZN C . -4.98 -6.24 -6.81
N GLY A 1 15.51 14.75 -2.85
CA GLY A 1 15.20 14.71 -4.30
C GLY A 1 13.75 14.40 -4.56
N PRO A 2 13.40 13.98 -5.79
CA PRO A 2 12.03 13.62 -6.14
C PRO A 2 11.52 12.42 -5.36
N LEU A 3 10.71 12.67 -4.36
CA LEU A 3 10.14 11.60 -3.54
C LEU A 3 8.69 11.36 -3.94
N GLY A 4 8.35 10.10 -4.17
CA GLY A 4 6.99 9.76 -4.52
C GLY A 4 6.23 9.19 -3.34
N SER A 5 5.08 8.59 -3.61
CA SER A 5 4.25 7.99 -2.57
C SER A 5 4.80 6.63 -2.15
N TYR A 6 6.06 6.60 -1.73
CA TYR A 6 6.70 5.39 -1.25
C TYR A 6 7.83 5.71 -0.30
N GLU A 7 7.79 5.12 0.87
CA GLU A 7 8.85 5.31 1.86
C GLU A 7 9.95 4.28 1.69
N THR A 8 9.61 3.02 1.94
CA THR A 8 10.56 1.94 1.77
C THR A 8 10.38 1.28 0.41
N ASP A 9 11.28 0.37 0.06
CA ASP A 9 11.22 -0.34 -1.20
C ASP A 9 10.22 -1.48 -1.13
N HIS A 10 9.45 -1.67 -2.19
CA HIS A 10 8.46 -2.73 -2.25
C HIS A 10 8.15 -3.15 -3.67
N GLN A 11 7.35 -4.20 -3.79
CA GLN A 11 6.99 -4.79 -5.09
C GLN A 11 6.19 -3.82 -5.94
N ASP A 12 6.15 -4.11 -7.24
CA ASP A 12 5.38 -3.32 -8.18
C ASP A 12 4.07 -4.01 -8.55
N TYR A 13 3.63 -4.91 -7.68
CA TYR A 13 2.41 -5.67 -7.91
C TYR A 13 1.71 -6.01 -6.60
N CYS A 14 0.51 -6.55 -6.73
CA CYS A 14 -0.33 -6.91 -5.61
C CYS A 14 0.21 -8.14 -4.88
N GLU A 15 0.24 -8.08 -3.56
CA GLU A 15 0.49 -9.29 -2.78
C GLU A 15 -0.84 -10.02 -2.52
N VAL A 16 -1.93 -9.39 -2.95
CA VAL A 16 -3.25 -9.96 -2.77
C VAL A 16 -3.72 -10.73 -4.01
N CYS A 17 -3.65 -10.09 -5.16
CA CYS A 17 -4.10 -10.71 -6.40
C CYS A 17 -2.93 -10.93 -7.37
N GLN A 18 -1.80 -10.31 -7.04
CA GLN A 18 -0.57 -10.45 -7.81
C GLN A 18 -0.60 -9.65 -9.12
N GLN A 19 -1.70 -8.96 -9.38
CA GLN A 19 -1.81 -8.15 -10.59
C GLN A 19 -1.18 -6.77 -10.37
N GLY A 20 -1.23 -5.94 -11.41
CA GLY A 20 -0.65 -4.61 -11.31
C GLY A 20 -1.63 -3.53 -11.69
N GLY A 21 -1.22 -2.28 -11.54
CA GLY A 21 -2.08 -1.17 -11.89
C GLY A 21 -2.25 -0.20 -10.74
N GLU A 22 -3.48 -0.04 -10.28
CA GLU A 22 -3.77 0.89 -9.20
C GLU A 22 -3.47 0.25 -7.85
N ILE A 23 -2.22 -0.11 -7.64
CA ILE A 23 -1.77 -0.64 -6.38
C ILE A 23 -1.25 0.49 -5.51
N ILE A 24 -1.35 0.32 -4.20
CA ILE A 24 -0.90 1.32 -3.27
C ILE A 24 0.40 0.88 -2.62
N LEU A 25 1.40 1.75 -2.65
CA LEU A 25 2.66 1.49 -2.00
C LEU A 25 2.65 1.99 -0.57
N CYS A 26 2.74 1.07 0.38
CA CYS A 26 2.76 1.43 1.80
C CYS A 26 4.00 2.25 2.14
N ASP A 27 3.87 3.04 3.20
CA ASP A 27 4.98 3.81 3.73
C ASP A 27 5.77 2.99 4.74
N THR A 28 5.05 2.41 5.68
CA THR A 28 5.68 1.83 6.85
C THR A 28 6.26 0.46 6.58
N CYS A 29 5.79 -0.22 5.54
CA CYS A 29 6.29 -1.55 5.24
C CYS A 29 6.42 -1.77 3.73
N PRO A 30 7.19 -2.79 3.32
CA PRO A 30 7.31 -3.17 1.93
C PRO A 30 6.12 -3.98 1.42
N ARG A 31 4.93 -3.37 1.44
CA ARG A 31 3.75 -4.01 0.89
C ARG A 31 3.25 -3.25 -0.32
N ALA A 32 2.44 -3.92 -1.13
CA ALA A 32 1.82 -3.31 -2.28
C ALA A 32 0.61 -4.14 -2.71
N TYR A 33 -0.53 -3.48 -2.82
CA TYR A 33 -1.73 -4.13 -3.32
C TYR A 33 -2.74 -3.10 -3.79
N HIS A 34 -3.65 -3.53 -4.65
CA HIS A 34 -4.71 -2.67 -5.16
C HIS A 34 -5.55 -2.15 -4.01
N MET A 35 -6.03 -0.92 -4.14
CA MET A 35 -6.99 -0.39 -3.19
C MET A 35 -8.24 -1.27 -3.20
N VAL A 36 -8.55 -1.78 -4.38
CA VAL A 36 -9.71 -2.64 -4.61
C VAL A 36 -9.49 -4.02 -4.00
N CYS A 37 -8.24 -4.37 -3.76
CA CYS A 37 -7.89 -5.69 -3.25
C CYS A 37 -7.76 -5.68 -1.72
N LEU A 38 -7.28 -4.56 -1.18
CA LEU A 38 -7.20 -4.41 0.27
C LEU A 38 -8.58 -4.13 0.84
N ASP A 39 -9.34 -3.30 0.13
CA ASP A 39 -10.71 -2.96 0.52
C ASP A 39 -11.33 -2.03 -0.50
N PRO A 40 -12.19 -2.57 -1.39
CA PRO A 40 -12.79 -1.81 -2.49
C PRO A 40 -13.84 -0.78 -2.04
N ASP A 41 -13.69 -0.31 -0.81
CA ASP A 41 -14.58 0.70 -0.25
C ASP A 41 -13.86 2.04 -0.21
N MET A 42 -12.53 1.99 -0.28
CA MET A 42 -11.70 3.18 -0.20
C MET A 42 -11.29 3.64 -1.60
N GLU A 43 -10.94 4.91 -1.73
CA GLU A 43 -10.52 5.47 -3.00
C GLU A 43 -9.30 6.37 -2.82
N LYS A 44 -9.52 7.67 -2.68
CA LYS A 44 -8.44 8.62 -2.58
C LYS A 44 -7.91 8.70 -1.14
N ALA A 45 -7.30 7.62 -0.71
CA ALA A 45 -6.74 7.54 0.64
C ALA A 45 -5.24 7.86 0.66
N PRO A 46 -4.42 7.26 -0.24
CA PRO A 46 -2.95 7.45 -0.22
C PRO A 46 -2.50 8.82 -0.74
N GLU A 47 -3.16 9.88 -0.29
CA GLU A 47 -2.75 11.23 -0.63
C GLU A 47 -1.85 11.79 0.46
N GLY A 48 -0.63 11.26 0.51
CA GLY A 48 0.31 11.66 1.53
C GLY A 48 0.91 10.45 2.23
N LYS A 49 1.05 10.55 3.55
CA LYS A 49 1.51 9.42 4.35
C LYS A 49 0.43 8.37 4.42
N TRP A 50 0.78 7.14 4.06
CA TRP A 50 -0.20 6.08 3.98
C TRP A 50 0.36 4.80 4.61
N SER A 51 -0.31 4.33 5.65
CA SER A 51 0.00 3.05 6.25
C SER A 51 -1.04 2.03 5.84
N CYS A 52 -0.58 0.92 5.28
CA CYS A 52 -1.45 -0.12 4.77
C CYS A 52 -2.30 -0.76 5.89
N PRO A 53 -3.39 -1.45 5.52
CA PRO A 53 -4.23 -2.18 6.48
C PRO A 53 -3.49 -3.32 7.16
N HIS A 54 -2.32 -3.68 6.64
CA HIS A 54 -1.49 -4.70 7.25
C HIS A 54 -0.70 -4.08 8.39
N CYS A 55 -0.20 -2.87 8.16
CA CYS A 55 0.55 -2.13 9.16
C CYS A 55 -0.33 -1.82 10.37
N GLU A 56 -1.63 -1.78 10.16
CA GLU A 56 -2.59 -1.62 11.23
C GLU A 56 -2.39 -2.72 12.28
N LYS A 57 -2.15 -3.93 11.81
CA LYS A 57 -1.92 -5.07 12.69
C LYS A 57 -0.45 -5.16 13.11
N GLU A 58 0.42 -4.58 12.30
CA GLU A 58 1.85 -4.57 12.58
C GLU A 58 2.16 -3.60 13.72
N GLY A 59 1.34 -2.58 13.85
CA GLY A 59 1.47 -1.66 14.96
C GLY A 59 0.94 -2.26 16.23
N ILE A 60 1.70 -2.10 17.31
CA ILE A 60 1.34 -2.69 18.60
C ILE A 60 0.34 -1.82 19.35
N GLN A 61 -0.52 -1.14 18.61
CA GLN A 61 -1.55 -0.27 19.18
C GLN A 61 -2.50 0.17 18.08
ZN ZN B . 2.33 -1.43 5.56
ZN ZN C . -4.83 -6.61 -6.70
N GLY A 1 9.22 5.13 -16.90
CA GLY A 1 10.04 6.36 -17.04
C GLY A 1 10.10 7.14 -15.76
N PRO A 2 9.61 8.39 -15.77
CA PRO A 2 9.53 9.21 -14.56
C PRO A 2 8.51 8.69 -13.56
N LEU A 3 8.98 7.92 -12.60
CA LEU A 3 8.11 7.39 -11.55
C LEU A 3 8.38 8.12 -10.24
N GLY A 4 9.66 8.28 -9.93
CA GLY A 4 10.04 8.97 -8.72
C GLY A 4 10.08 8.05 -7.51
N SER A 5 10.84 8.45 -6.52
CA SER A 5 10.92 7.70 -5.27
C SER A 5 9.62 7.82 -4.50
N TYR A 6 8.83 6.74 -4.50
CA TYR A 6 7.60 6.70 -3.72
C TYR A 6 7.89 7.00 -2.25
N GLU A 7 8.78 6.20 -1.68
CA GLU A 7 9.22 6.35 -0.30
C GLU A 7 10.19 5.23 0.02
N THR A 8 9.64 4.12 0.51
CA THR A 8 10.43 2.94 0.79
C THR A 8 10.49 2.04 -0.44
N ASP A 9 11.28 0.99 -0.37
CA ASP A 9 11.36 0.02 -1.46
C ASP A 9 10.25 -1.01 -1.30
N HIS A 10 9.52 -1.24 -2.38
CA HIS A 10 8.46 -2.24 -2.40
C HIS A 10 8.08 -2.62 -3.82
N GLN A 11 7.41 -3.75 -3.91
CA GLN A 11 7.05 -4.39 -5.18
C GLN A 11 6.16 -3.50 -6.05
N ASP A 12 6.09 -3.86 -7.33
CA ASP A 12 5.25 -3.16 -8.30
C ASP A 12 3.94 -3.93 -8.48
N TYR A 13 3.81 -5.04 -7.78
CA TYR A 13 2.65 -5.90 -7.94
C TYR A 13 1.92 -6.11 -6.62
N CYS A 14 0.67 -6.52 -6.74
CA CYS A 14 -0.18 -6.79 -5.60
C CYS A 14 0.24 -8.07 -4.90
N GLU A 15 0.21 -8.06 -3.58
CA GLU A 15 0.47 -9.26 -2.82
C GLU A 15 -0.78 -10.14 -2.76
N VAL A 16 -1.93 -9.56 -3.08
CA VAL A 16 -3.20 -10.27 -3.01
C VAL A 16 -3.62 -10.81 -4.39
N CYS A 17 -3.62 -9.93 -5.39
CA CYS A 17 -4.00 -10.33 -6.73
C CYS A 17 -2.77 -10.79 -7.51
N GLN A 18 -1.59 -10.42 -7.00
CA GLN A 18 -0.31 -10.74 -7.64
C GLN A 18 -0.27 -10.14 -9.04
N GLN A 19 -0.86 -8.97 -9.18
CA GLN A 19 -0.95 -8.32 -10.47
C GLN A 19 -0.50 -6.87 -10.35
N GLY A 20 -0.15 -6.26 -11.48
CA GLY A 20 0.24 -4.87 -11.48
C GLY A 20 -0.95 -3.95 -11.54
N GLY A 21 -0.70 -2.69 -11.85
CA GLY A 21 -1.79 -1.73 -11.97
C GLY A 21 -1.68 -0.61 -10.96
N GLU A 22 -2.82 -0.04 -10.60
CA GLU A 22 -2.85 1.06 -9.65
C GLU A 22 -2.85 0.53 -8.23
N ILE A 23 -1.72 -0.01 -7.82
CA ILE A 23 -1.56 -0.54 -6.47
C ILE A 23 -1.18 0.59 -5.51
N ILE A 24 -1.35 0.34 -4.23
CA ILE A 24 -1.02 1.31 -3.22
C ILE A 24 0.26 0.88 -2.51
N LEU A 25 1.25 1.73 -2.50
CA LEU A 25 2.52 1.41 -1.86
C LEU A 25 2.57 1.98 -0.46
N CYS A 26 2.66 1.07 0.52
CA CYS A 26 2.74 1.43 1.93
C CYS A 26 3.96 2.31 2.21
N ASP A 27 3.82 3.19 3.19
CA ASP A 27 4.94 3.99 3.68
C ASP A 27 5.86 3.14 4.53
N THR A 28 5.29 2.15 5.18
CA THR A 28 5.96 1.46 6.26
C THR A 28 6.58 0.14 5.84
N CYS A 29 5.86 -0.69 5.10
CA CYS A 29 6.37 -2.01 4.75
C CYS A 29 6.63 -2.12 3.25
N PRO A 30 7.44 -3.12 2.83
CA PRO A 30 7.73 -3.37 1.42
C PRO A 30 6.59 -4.07 0.69
N ARG A 31 5.37 -3.80 1.12
CA ARG A 31 4.19 -4.40 0.53
C ARG A 31 3.58 -3.50 -0.53
N ALA A 32 2.73 -4.09 -1.35
CA ALA A 32 1.98 -3.35 -2.34
C ALA A 32 0.77 -4.16 -2.77
N TYR A 33 -0.39 -3.51 -2.78
CA TYR A 33 -1.61 -4.13 -3.28
C TYR A 33 -2.58 -3.06 -3.70
N HIS A 34 -3.58 -3.45 -4.48
CA HIS A 34 -4.59 -2.50 -4.94
C HIS A 34 -5.48 -2.10 -3.77
N MET A 35 -6.27 -1.05 -3.96
CA MET A 35 -7.24 -0.66 -2.95
C MET A 35 -8.45 -1.59 -3.01
N VAL A 36 -8.66 -2.19 -4.17
CA VAL A 36 -9.78 -3.09 -4.40
C VAL A 36 -9.68 -4.34 -3.53
N CYS A 37 -8.48 -4.87 -3.40
CA CYS A 37 -8.23 -6.08 -2.63
C CYS A 37 -8.28 -5.80 -1.14
N LEU A 38 -7.84 -4.60 -0.77
CA LEU A 38 -7.86 -4.15 0.62
C LEU A 38 -9.29 -3.88 1.08
N ASP A 39 -9.98 -3.05 0.32
CA ASP A 39 -11.31 -2.61 0.68
C ASP A 39 -11.95 -1.96 -0.54
N PRO A 40 -12.69 -2.74 -1.34
CA PRO A 40 -13.23 -2.31 -2.64
C PRO A 40 -14.07 -1.04 -2.57
N ASP A 41 -14.71 -0.81 -1.43
CA ASP A 41 -15.60 0.34 -1.28
C ASP A 41 -14.95 1.46 -0.47
N MET A 42 -13.65 1.33 -0.20
CA MET A 42 -12.92 2.34 0.54
C MET A 42 -12.65 3.55 -0.35
N GLU A 43 -12.74 4.73 0.25
CA GLU A 43 -12.53 5.97 -0.47
C GLU A 43 -11.22 6.63 -0.08
N LYS A 44 -10.69 6.23 1.08
CA LYS A 44 -9.46 6.80 1.60
C LYS A 44 -8.28 6.41 0.72
N ALA A 45 -7.65 7.40 0.11
CA ALA A 45 -6.51 7.19 -0.75
C ALA A 45 -5.21 7.41 0.02
N PRO A 46 -4.05 7.08 -0.57
CA PRO A 46 -2.75 7.36 0.06
C PRO A 46 -2.44 8.86 0.07
N GLU A 47 -3.02 9.55 1.05
CA GLU A 47 -2.88 11.00 1.16
C GLU A 47 -1.53 11.40 1.77
N GLY A 48 -0.46 11.10 1.06
CA GLY A 48 0.87 11.45 1.53
C GLY A 48 1.39 10.45 2.54
N LYS A 49 0.74 10.40 3.69
CA LYS A 49 1.07 9.41 4.71
C LYS A 49 0.06 8.27 4.66
N TRP A 50 0.52 7.13 4.19
CA TRP A 50 -0.36 5.98 4.03
C TRP A 50 0.26 4.74 4.65
N SER A 51 -0.24 4.36 5.80
CA SER A 51 0.13 3.11 6.43
C SER A 51 -0.90 2.05 6.08
N CYS A 52 -0.46 1.00 5.42
CA CYS A 52 -1.35 -0.08 5.02
C CYS A 52 -2.04 -0.72 6.22
N PRO A 53 -3.22 -1.33 5.99
CA PRO A 53 -3.96 -2.06 7.03
C PRO A 53 -3.15 -3.22 7.61
N HIS A 54 -2.11 -3.66 6.89
CA HIS A 54 -1.25 -4.71 7.37
C HIS A 54 -0.35 -4.16 8.48
N CYS A 55 0.09 -2.92 8.29
CA CYS A 55 0.90 -2.23 9.28
C CYS A 55 0.04 -1.73 10.43
N GLU A 56 -1.17 -1.28 10.10
CA GLU A 56 -2.12 -0.82 11.11
C GLU A 56 -2.48 -1.97 12.04
N LYS A 57 -2.55 -3.18 11.49
CA LYS A 57 -2.88 -4.35 12.28
C LYS A 57 -1.67 -4.85 13.06
N GLU A 58 -0.49 -4.80 12.44
CA GLU A 58 0.73 -5.26 13.07
C GLU A 58 1.16 -4.32 14.19
N GLY A 59 0.79 -3.05 14.07
CA GLY A 59 1.10 -2.08 15.10
C GLY A 59 0.37 -2.39 16.39
N ILE A 60 1.10 -2.37 17.49
CA ILE A 60 0.51 -2.67 18.79
C ILE A 60 -0.43 -1.55 19.23
N GLN A 61 -1.71 -1.83 19.24
CA GLN A 61 -2.71 -0.85 19.64
C GLN A 61 -3.13 -1.09 21.09
ZN ZN B . 2.46 -1.66 5.48
ZN ZN C . -4.82 -6.43 -5.66
N GLY A 1 13.79 17.64 -1.31
CA GLY A 1 13.62 17.41 -2.76
C GLY A 1 12.57 16.34 -3.04
N PRO A 2 11.56 16.65 -3.84
CA PRO A 2 10.50 15.70 -4.19
C PRO A 2 11.02 14.58 -5.10
N LEU A 3 10.63 13.35 -4.80
CA LEU A 3 11.01 12.20 -5.60
C LEU A 3 9.84 11.24 -5.71
N GLY A 4 9.83 10.44 -6.76
CA GLY A 4 8.74 9.52 -6.98
C GLY A 4 8.89 8.26 -6.16
N SER A 5 10.05 8.08 -5.56
CA SER A 5 10.31 6.95 -4.70
C SER A 5 9.46 7.04 -3.43
N TYR A 6 8.76 5.96 -3.11
CA TYR A 6 7.84 5.96 -1.99
C TYR A 6 8.50 5.37 -0.76
N GLU A 7 9.43 6.13 -0.18
CA GLU A 7 10.14 5.74 1.04
C GLU A 7 11.01 4.50 0.77
N THR A 8 10.60 3.36 1.31
CA THR A 8 11.35 2.13 1.18
C THR A 8 11.07 1.50 -0.18
N ASP A 9 11.99 0.67 -0.65
CA ASP A 9 11.79 0.00 -1.92
C ASP A 9 10.91 -1.23 -1.73
N HIS A 10 9.90 -1.34 -2.57
CA HIS A 10 8.89 -2.38 -2.41
C HIS A 10 8.47 -2.97 -3.74
N GLN A 11 7.68 -4.04 -3.65
CA GLN A 11 7.23 -4.79 -4.82
C GLN A 11 6.41 -3.93 -5.76
N ASP A 12 6.32 -4.36 -7.01
CA ASP A 12 5.55 -3.65 -8.03
C ASP A 12 4.37 -4.49 -8.47
N TYR A 13 3.81 -5.24 -7.53
CA TYR A 13 2.67 -6.10 -7.82
C TYR A 13 1.85 -6.35 -6.57
N CYS A 14 0.61 -6.77 -6.77
CA CYS A 14 -0.30 -7.06 -5.69
C CYS A 14 0.09 -8.35 -4.98
N GLU A 15 -0.02 -8.34 -3.66
CA GLU A 15 0.12 -9.56 -2.90
C GLU A 15 -1.23 -10.27 -2.84
N VAL A 16 -2.29 -9.56 -3.21
CA VAL A 16 -3.63 -10.10 -3.16
C VAL A 16 -4.05 -10.70 -4.51
N CYS A 17 -3.92 -9.93 -5.58
CA CYS A 17 -4.34 -10.40 -6.90
C CYS A 17 -3.16 -10.62 -7.83
N GLN A 18 -1.98 -10.20 -7.39
CA GLN A 18 -0.72 -10.42 -8.12
C GLN A 18 -0.61 -9.54 -9.36
N GLN A 19 -1.52 -8.59 -9.52
CA GLN A 19 -1.48 -7.68 -10.65
C GLN A 19 -0.93 -6.31 -10.21
N GLY A 20 -0.34 -5.59 -11.14
CA GLY A 20 0.22 -4.29 -10.82
C GLY A 20 -0.66 -3.16 -11.29
N GLY A 21 -0.13 -1.94 -11.24
CA GLY A 21 -0.89 -0.79 -11.71
C GLY A 21 -1.29 0.13 -10.57
N GLU A 22 -2.59 0.18 -10.28
CA GLU A 22 -3.12 1.06 -9.25
C GLU A 22 -2.98 0.43 -7.87
N ILE A 23 -1.80 -0.10 -7.59
CA ILE A 23 -1.52 -0.68 -6.29
C ILE A 23 -1.04 0.40 -5.33
N ILE A 24 -1.34 0.20 -4.06
CA ILE A 24 -0.94 1.17 -3.06
C ILE A 24 0.22 0.62 -2.27
N LEU A 25 1.28 1.39 -2.21
CA LEU A 25 2.48 0.99 -1.52
C LEU A 25 2.56 1.70 -0.19
N CYS A 26 2.48 0.93 0.90
CA CYS A 26 2.63 1.49 2.23
C CYS A 26 3.90 2.35 2.33
N ASP A 27 3.75 3.51 2.97
CA ASP A 27 4.89 4.41 3.19
C ASP A 27 5.86 3.79 4.17
N THR A 28 5.46 2.72 4.82
CA THR A 28 6.24 2.14 5.88
C THR A 28 6.59 0.67 5.60
N CYS A 29 5.89 0.04 4.67
CA CYS A 29 6.11 -1.37 4.38
C CYS A 29 6.50 -1.60 2.92
N PRO A 30 7.15 -2.75 2.65
CA PRO A 30 7.44 -3.19 1.29
C PRO A 30 6.24 -3.87 0.64
N ARG A 31 5.08 -3.74 1.26
CA ARG A 31 3.86 -4.36 0.76
C ARG A 31 3.22 -3.49 -0.31
N ALA A 32 2.46 -4.13 -1.20
CA ALA A 32 1.75 -3.42 -2.25
C ALA A 32 0.53 -4.20 -2.71
N TYR A 33 -0.60 -3.51 -2.79
CA TYR A 33 -1.83 -4.10 -3.29
C TYR A 33 -2.80 -3.01 -3.73
N HIS A 34 -3.69 -3.35 -4.66
CA HIS A 34 -4.69 -2.41 -5.15
C HIS A 34 -5.57 -1.91 -4.01
N MET A 35 -6.16 -0.74 -4.20
CA MET A 35 -7.03 -0.16 -3.19
C MET A 35 -8.23 -1.05 -2.95
N VAL A 36 -8.67 -1.71 -4.01
CA VAL A 36 -9.82 -2.61 -3.93
C VAL A 36 -9.41 -3.98 -3.40
N CYS A 37 -8.14 -4.32 -3.55
CA CYS A 37 -7.63 -5.62 -3.18
C CYS A 37 -7.35 -5.72 -1.68
N LEU A 38 -6.82 -4.64 -1.10
CA LEU A 38 -6.59 -4.61 0.34
C LEU A 38 -7.93 -4.70 1.07
N ASP A 39 -8.86 -3.85 0.66
CA ASP A 39 -10.23 -3.86 1.16
C ASP A 39 -11.06 -2.80 0.46
N PRO A 40 -12.27 -3.14 0.01
CA PRO A 40 -13.17 -2.19 -0.66
C PRO A 40 -13.64 -1.07 0.27
N ASP A 41 -13.57 -1.30 1.57
CA ASP A 41 -14.04 -0.31 2.55
C ASP A 41 -12.88 0.56 3.02
N MET A 42 -12.21 1.18 2.07
CA MET A 42 -11.12 2.10 2.40
C MET A 42 -11.65 3.52 2.57
N GLU A 43 -11.09 4.23 3.55
CA GLU A 43 -11.40 5.65 3.74
C GLU A 43 -10.12 6.48 3.69
N LYS A 44 -8.99 5.82 3.85
CA LYS A 44 -7.71 6.49 3.79
C LYS A 44 -7.06 6.30 2.43
N ALA A 45 -7.11 7.37 1.62
CA ALA A 45 -6.51 7.34 0.29
C ALA A 45 -5.01 7.58 0.38
N PRO A 46 -4.23 7.17 -0.64
CA PRO A 46 -2.77 7.33 -0.63
C PRO A 46 -2.33 8.77 -0.96
N GLU A 47 -3.12 9.73 -0.53
CA GLU A 47 -2.84 11.13 -0.78
C GLU A 47 -2.25 11.78 0.47
N GLY A 48 -0.94 11.68 0.61
CA GLY A 48 -0.27 12.19 1.79
C GLY A 48 0.61 11.15 2.43
N LYS A 49 0.39 10.89 3.71
CA LYS A 49 1.08 9.80 4.39
C LYS A 49 0.15 8.60 4.49
N TRP A 50 0.51 7.52 3.84
CA TRP A 50 -0.35 6.35 3.77
C TRP A 50 0.31 5.15 4.42
N SER A 51 -0.44 4.48 5.29
CA SER A 51 0.00 3.24 5.88
C SER A 51 -0.92 2.11 5.47
N CYS A 52 -0.33 0.97 5.12
CA CYS A 52 -1.09 -0.20 4.75
C CYS A 52 -2.05 -0.63 5.87
N PRO A 53 -3.16 -1.30 5.52
CA PRO A 53 -4.08 -1.88 6.50
C PRO A 53 -3.38 -2.90 7.39
N HIS A 54 -2.26 -3.45 6.91
CA HIS A 54 -1.50 -4.45 7.65
C HIS A 54 -0.81 -3.79 8.84
N CYS A 55 -0.38 -2.55 8.64
CA CYS A 55 0.35 -1.79 9.64
C CYS A 55 -0.37 -1.77 10.98
N GLU A 56 -1.61 -1.30 10.97
CA GLU A 56 -2.39 -1.18 12.20
C GLU A 56 -2.64 -2.54 12.84
N LYS A 57 -2.62 -3.58 12.02
CA LYS A 57 -2.92 -4.93 12.49
C LYS A 57 -1.69 -5.61 13.08
N GLU A 58 -0.52 -5.33 12.52
CA GLU A 58 0.70 -5.99 12.96
C GLU A 58 1.49 -5.11 13.93
N GLY A 59 1.35 -3.80 13.79
CA GLY A 59 2.10 -2.88 14.62
C GLY A 59 1.43 -2.63 15.96
N ILE A 60 0.19 -2.16 15.92
CA ILE A 60 -0.51 -1.78 17.14
C ILE A 60 -1.47 -2.88 17.59
N GLN A 61 -0.92 -4.06 17.85
CA GLN A 61 -1.71 -5.20 18.31
C GLN A 61 -0.83 -6.10 19.17
ZN ZN B . 2.47 -0.79 6.47
ZN ZN C . -4.72 -6.20 -6.87
N GLY A 1 11.10 14.52 -4.25
CA GLY A 1 10.39 14.73 -5.53
C GLY A 1 8.90 14.95 -5.33
N PRO A 2 8.09 14.84 -6.39
CA PRO A 2 6.65 15.02 -6.31
C PRO A 2 5.94 13.79 -5.76
N LEU A 3 6.62 12.65 -5.81
CA LEU A 3 6.05 11.40 -5.34
C LEU A 3 6.22 11.25 -3.83
N GLY A 4 5.41 12.01 -3.10
CA GLY A 4 5.47 11.98 -1.65
C GLY A 4 4.37 11.14 -1.05
N SER A 5 4.08 9.99 -1.65
CA SER A 5 3.04 9.11 -1.13
C SER A 5 3.56 7.68 -0.98
N TYR A 6 4.84 7.56 -0.62
CA TYR A 6 5.46 6.27 -0.34
C TYR A 6 6.88 6.46 0.19
N GLU A 7 7.35 5.50 0.97
CA GLU A 7 8.69 5.53 1.50
C GLU A 7 9.50 4.36 0.95
N THR A 8 9.36 3.22 1.63
CA THR A 8 10.11 2.02 1.32
C THR A 8 10.01 1.62 -0.14
N ASP A 9 11.15 1.38 -0.76
CA ASP A 9 11.17 0.76 -2.08
C ASP A 9 10.68 -0.67 -1.95
N HIS A 10 9.58 -0.98 -2.62
CA HIS A 10 8.90 -2.25 -2.39
C HIS A 10 8.49 -2.93 -3.69
N GLN A 11 7.66 -3.96 -3.56
CA GLN A 11 7.22 -4.77 -4.69
C GLN A 11 6.41 -3.96 -5.69
N ASP A 12 6.41 -4.42 -6.93
CA ASP A 12 5.68 -3.75 -8.00
C ASP A 12 4.38 -4.49 -8.28
N TYR A 13 4.11 -5.51 -7.48
CA TYR A 13 2.94 -6.35 -7.68
C TYR A 13 2.08 -6.39 -6.41
N CYS A 14 0.80 -6.67 -6.59
CA CYS A 14 -0.14 -6.78 -5.50
C CYS A 14 0.12 -8.06 -4.72
N GLU A 15 0.11 -7.96 -3.40
CA GLU A 15 0.29 -9.14 -2.55
C GLU A 15 -1.01 -9.93 -2.47
N VAL A 16 -2.11 -9.33 -2.93
CA VAL A 16 -3.42 -9.98 -2.90
C VAL A 16 -3.79 -10.56 -4.26
N CYS A 17 -3.70 -9.75 -5.31
CA CYS A 17 -4.03 -10.22 -6.65
C CYS A 17 -2.80 -10.77 -7.37
N GLN A 18 -1.63 -10.34 -6.92
CA GLN A 18 -0.35 -10.70 -7.54
C GLN A 18 -0.25 -10.10 -8.94
N GLN A 19 -0.84 -8.93 -9.09
CA GLN A 19 -0.84 -8.23 -10.37
C GLN A 19 -0.35 -6.81 -10.17
N GLY A 20 0.12 -6.18 -11.24
CA GLY A 20 0.54 -4.80 -11.17
C GLY A 20 -0.63 -3.85 -11.38
N GLY A 21 -0.35 -2.65 -11.85
CA GLY A 21 -1.41 -1.71 -12.14
C GLY A 21 -1.53 -0.64 -11.08
N GLU A 22 -2.76 -0.33 -10.69
CA GLU A 22 -3.03 0.72 -9.73
C GLU A 22 -2.97 0.17 -8.31
N ILE A 23 -1.78 -0.19 -7.87
CA ILE A 23 -1.59 -0.64 -6.50
C ILE A 23 -1.22 0.54 -5.62
N ILE A 24 -1.53 0.45 -4.34
CA ILE A 24 -1.19 1.50 -3.41
C ILE A 24 0.10 1.15 -2.72
N LEU A 25 1.03 2.09 -2.68
CA LEU A 25 2.34 1.84 -2.12
C LEU A 25 2.41 2.34 -0.69
N CYS A 26 2.54 1.41 0.25
CA CYS A 26 2.65 1.74 1.65
C CYS A 26 3.94 2.49 1.97
N ASP A 27 3.94 3.16 3.11
CA ASP A 27 5.09 3.90 3.59
C ASP A 27 5.99 2.99 4.42
N THR A 28 5.38 2.33 5.39
CA THR A 28 6.11 1.67 6.45
C THR A 28 6.66 0.31 6.04
N CYS A 29 5.88 -0.47 5.29
CA CYS A 29 6.29 -1.82 4.94
C CYS A 29 6.61 -1.92 3.45
N PRO A 30 7.23 -3.04 3.03
CA PRO A 30 7.52 -3.30 1.62
C PRO A 30 6.33 -3.92 0.88
N ARG A 31 5.12 -3.60 1.33
CA ARG A 31 3.92 -4.14 0.71
C ARG A 31 3.46 -3.28 -0.44
N ALA A 32 2.62 -3.87 -1.28
CA ALA A 32 1.95 -3.17 -2.36
C ALA A 32 0.74 -3.97 -2.80
N TYR A 33 -0.41 -3.33 -2.84
CA TYR A 33 -1.62 -3.97 -3.33
C TYR A 33 -2.64 -2.92 -3.74
N HIS A 34 -3.63 -3.31 -4.53
CA HIS A 34 -4.64 -2.38 -4.98
C HIS A 34 -5.54 -2.04 -3.78
N MET A 35 -6.36 -1.02 -3.93
CA MET A 35 -7.26 -0.63 -2.85
C MET A 35 -8.42 -1.61 -2.75
N VAL A 36 -8.86 -2.11 -3.89
CA VAL A 36 -10.05 -2.95 -3.97
C VAL A 36 -9.84 -4.33 -3.30
N CYS A 37 -8.61 -4.81 -3.32
CA CYS A 37 -8.30 -6.10 -2.73
C CYS A 37 -8.27 -6.00 -1.21
N LEU A 38 -7.66 -4.93 -0.74
CA LEU A 38 -7.49 -4.70 0.68
C LEU A 38 -8.79 -4.21 1.31
N ASP A 39 -9.34 -3.14 0.74
CA ASP A 39 -10.58 -2.54 1.24
C ASP A 39 -11.10 -1.50 0.26
N PRO A 40 -12.06 -1.87 -0.60
CA PRO A 40 -12.63 -0.97 -1.61
C PRO A 40 -13.48 0.13 -1.01
N ASP A 41 -13.64 0.10 0.31
CA ASP A 41 -14.36 1.14 1.03
C ASP A 41 -13.46 2.35 1.19
N MET A 42 -12.16 2.13 1.03
CA MET A 42 -11.18 3.19 1.12
C MET A 42 -10.87 3.73 -0.27
N GLU A 43 -10.65 5.04 -0.38
CA GLU A 43 -10.30 5.65 -1.66
C GLU A 43 -9.33 6.82 -1.48
N LYS A 44 -9.85 7.95 -0.99
CA LYS A 44 -9.03 9.15 -0.84
C LYS A 44 -8.26 9.13 0.47
N ALA A 45 -7.52 8.06 0.69
CA ALA A 45 -6.72 7.91 1.90
C ALA A 45 -5.24 8.21 1.66
N PRO A 46 -4.60 7.65 0.58
CA PRO A 46 -3.18 7.87 0.32
C PRO A 46 -2.86 9.29 -0.17
N GLU A 47 -3.19 10.26 0.66
CA GLU A 47 -2.90 11.66 0.36
C GLU A 47 -1.53 12.04 0.91
N GLY A 48 -0.51 11.34 0.43
CA GLY A 48 0.84 11.57 0.93
C GLY A 48 1.20 10.60 2.03
N LYS A 49 0.63 10.80 3.20
CA LYS A 49 0.83 9.90 4.33
C LYS A 49 -0.13 8.73 4.24
N TRP A 50 0.40 7.54 3.99
CA TRP A 50 -0.44 6.35 3.90
C TRP A 50 0.26 5.14 4.49
N SER A 51 -0.23 4.69 5.62
CA SER A 51 0.24 3.44 6.22
C SER A 51 -0.84 2.39 6.02
N CYS A 52 -0.49 1.33 5.29
CA CYS A 52 -1.45 0.29 4.96
C CYS A 52 -2.09 -0.30 6.22
N PRO A 53 -3.37 -0.70 6.11
CA PRO A 53 -4.08 -1.39 7.20
C PRO A 53 -3.44 -2.71 7.57
N HIS A 54 -2.53 -3.20 6.71
CA HIS A 54 -1.79 -4.41 7.01
C HIS A 54 -0.69 -4.09 8.03
N CYS A 55 -0.13 -2.89 7.91
CA CYS A 55 0.80 -2.37 8.90
C CYS A 55 0.10 -2.24 10.24
N GLU A 56 -1.13 -1.75 10.21
CA GLU A 56 -1.95 -1.61 11.41
C GLU A 56 -2.26 -2.96 12.02
N LYS A 57 -2.51 -3.94 11.16
CA LYS A 57 -2.80 -5.31 11.60
C LYS A 57 -1.61 -5.92 12.32
N GLU A 58 -0.42 -5.73 11.76
CA GLU A 58 0.80 -6.24 12.35
C GLU A 58 1.23 -5.36 13.52
N GLY A 59 0.74 -4.12 13.51
CA GLY A 59 1.03 -3.20 14.61
C GLY A 59 2.38 -2.54 14.46
N ILE A 60 2.62 -1.49 15.21
CA ILE A 60 3.89 -0.80 15.21
C ILE A 60 4.97 -1.72 15.79
N GLN A 61 6.11 -1.79 15.11
CA GLN A 61 7.19 -2.63 15.54
C GLN A 61 8.30 -1.78 16.15
ZN ZN B . 2.29 -1.27 5.30
ZN ZN C . -4.83 -6.28 -5.75
N GLY A 1 19.67 11.19 -10.83
CA GLY A 1 19.37 10.94 -9.39
C GLY A 1 18.68 9.61 -9.19
N PRO A 2 18.24 9.30 -7.96
CA PRO A 2 17.60 8.04 -7.64
C PRO A 2 16.18 7.93 -8.21
N LEU A 3 16.09 7.56 -9.48
CA LEU A 3 14.81 7.41 -10.16
C LEU A 3 14.07 6.17 -9.66
N GLY A 4 12.91 6.38 -9.07
CA GLY A 4 12.11 5.26 -8.59
C GLY A 4 12.21 5.07 -7.09
N SER A 5 12.13 6.18 -6.36
CA SER A 5 12.25 6.13 -4.91
C SER A 5 10.96 6.64 -4.24
N TYR A 6 10.31 5.75 -3.48
CA TYR A 6 9.09 6.10 -2.76
C TYR A 6 9.40 6.31 -1.28
N GLU A 7 9.47 5.23 -0.52
CA GLU A 7 9.74 5.29 0.92
C GLU A 7 10.49 4.03 1.31
N THR A 8 9.77 3.09 1.87
CA THR A 8 10.28 1.74 2.03
C THR A 8 10.15 1.03 0.70
N ASP A 9 11.26 0.85 0.02
CA ASP A 9 11.27 0.31 -1.34
C ASP A 9 10.54 -1.04 -1.41
N HIS A 10 9.75 -1.21 -2.45
CA HIS A 10 8.86 -2.36 -2.55
C HIS A 10 8.53 -2.70 -3.99
N GLN A 11 7.83 -3.81 -4.16
CA GLN A 11 7.50 -4.38 -5.46
C GLN A 11 6.48 -3.52 -6.22
N ASP A 12 6.19 -3.93 -7.45
CA ASP A 12 5.23 -3.22 -8.30
C ASP A 12 4.01 -4.09 -8.58
N TYR A 13 3.90 -5.22 -7.89
CA TYR A 13 2.77 -6.11 -8.07
C TYR A 13 2.02 -6.33 -6.76
N CYS A 14 0.74 -6.64 -6.85
CA CYS A 14 -0.08 -6.86 -5.69
C CYS A 14 0.18 -8.23 -5.07
N GLU A 15 0.38 -8.26 -3.77
CA GLU A 15 0.61 -9.51 -3.07
C GLU A 15 -0.71 -10.19 -2.72
N VAL A 16 -1.83 -9.52 -2.96
CA VAL A 16 -3.13 -10.06 -2.65
C VAL A 16 -3.80 -10.63 -3.89
N CYS A 17 -3.89 -9.84 -4.95
CA CYS A 17 -4.50 -10.29 -6.19
C CYS A 17 -3.48 -10.97 -7.10
N GLN A 18 -2.20 -10.73 -6.81
CA GLN A 18 -1.11 -11.22 -7.66
C GLN A 18 -1.23 -10.60 -9.05
N GLN A 19 -1.52 -9.31 -9.08
CA GLN A 19 -1.74 -8.60 -10.33
C GLN A 19 -1.07 -7.23 -10.28
N GLY A 20 -1.18 -6.49 -11.37
CA GLY A 20 -0.58 -5.17 -11.43
C GLY A 20 -1.64 -4.10 -11.61
N GLY A 21 -1.21 -2.90 -11.96
CA GLY A 21 -2.14 -1.81 -12.18
C GLY A 21 -1.97 -0.70 -11.17
N GLU A 22 -3.08 -0.15 -10.70
CA GLU A 22 -3.04 0.91 -9.71
C GLU A 22 -2.92 0.33 -8.30
N ILE A 23 -1.70 0.01 -7.92
CA ILE A 23 -1.44 -0.49 -6.58
C ILE A 23 -0.95 0.64 -5.68
N ILE A 24 -1.12 0.46 -4.39
CA ILE A 24 -0.68 1.44 -3.41
C ILE A 24 0.60 0.95 -2.75
N LEU A 25 1.60 1.81 -2.67
CA LEU A 25 2.82 1.45 -2.02
C LEU A 25 2.85 2.02 -0.61
N CYS A 26 2.73 1.14 0.39
CA CYS A 26 2.67 1.55 1.79
C CYS A 26 3.86 2.39 2.19
N ASP A 27 3.63 3.26 3.17
CA ASP A 27 4.68 4.07 3.76
C ASP A 27 5.72 3.19 4.42
N THR A 28 5.23 2.32 5.29
CA THR A 28 6.11 1.55 6.17
C THR A 28 6.47 0.19 5.59
N CYS A 29 5.64 -0.33 4.70
CA CYS A 29 5.80 -1.69 4.22
C CYS A 29 6.74 -1.80 3.03
N PRO A 30 7.37 -2.98 2.90
CA PRO A 30 8.06 -3.38 1.69
C PRO A 30 7.13 -4.18 0.77
N ARG A 31 5.83 -4.06 1.00
CA ARG A 31 4.82 -4.78 0.23
C ARG A 31 4.13 -3.84 -0.76
N ALA A 32 3.22 -4.38 -1.55
CA ALA A 32 2.46 -3.60 -2.52
C ALA A 32 1.18 -4.32 -2.90
N TYR A 33 0.08 -3.57 -2.96
CA TYR A 33 -1.22 -4.09 -3.34
C TYR A 33 -2.16 -2.97 -3.75
N HIS A 34 -3.23 -3.31 -4.44
CA HIS A 34 -4.23 -2.33 -4.84
C HIS A 34 -5.00 -1.83 -3.61
N MET A 35 -5.85 -0.84 -3.83
CA MET A 35 -6.73 -0.37 -2.76
C MET A 35 -7.90 -1.33 -2.56
N VAL A 36 -8.35 -1.96 -3.64
CA VAL A 36 -9.57 -2.77 -3.62
C VAL A 36 -9.37 -4.10 -2.90
N CYS A 37 -8.14 -4.57 -2.83
CA CYS A 37 -7.84 -5.82 -2.15
C CYS A 37 -8.00 -5.66 -0.64
N LEU A 38 -7.52 -4.53 -0.14
CA LEU A 38 -7.65 -4.20 1.28
C LEU A 38 -9.08 -3.80 1.60
N ASP A 39 -9.59 -2.82 0.87
CA ASP A 39 -10.91 -2.26 1.13
C ASP A 39 -11.51 -1.64 -0.12
N PRO A 40 -12.40 -2.37 -0.80
CA PRO A 40 -13.12 -1.86 -1.97
C PRO A 40 -14.22 -0.88 -1.57
N ASP A 41 -14.28 -0.59 -0.28
CA ASP A 41 -15.24 0.37 0.25
C ASP A 41 -14.51 1.62 0.75
N MET A 42 -13.26 1.76 0.32
CA MET A 42 -12.43 2.88 0.73
C MET A 42 -12.76 4.13 -0.07
N GLU A 43 -13.14 5.19 0.64
CA GLU A 43 -13.48 6.45 0.01
C GLU A 43 -12.38 7.49 0.24
N LYS A 44 -11.29 7.06 0.86
CA LYS A 44 -10.19 7.96 1.16
C LYS A 44 -8.95 7.58 0.36
N ALA A 45 -8.41 8.56 -0.36
CA ALA A 45 -7.22 8.34 -1.18
C ALA A 45 -5.96 8.39 -0.32
N PRO A 46 -4.87 7.72 -0.77
CA PRO A 46 -3.58 7.74 -0.08
C PRO A 46 -2.86 9.08 -0.21
N GLU A 47 -3.47 10.12 0.36
CA GLU A 47 -2.91 11.47 0.28
C GLU A 47 -1.74 11.65 1.25
N GLY A 48 -0.55 11.33 0.77
CA GLY A 48 0.64 11.52 1.56
C GLY A 48 0.86 10.42 2.57
N LYS A 49 0.40 10.64 3.79
CA LYS A 49 0.54 9.65 4.85
C LYS A 49 -0.45 8.51 4.65
N TRP A 50 0.04 7.37 4.23
CA TRP A 50 -0.80 6.22 4.00
C TRP A 50 -0.18 4.99 4.64
N SER A 51 -0.70 4.60 5.78
CA SER A 51 -0.30 3.38 6.41
C SER A 51 -1.33 2.30 6.12
N CYS A 52 -0.90 1.26 5.44
CA CYS A 52 -1.77 0.20 4.97
C CYS A 52 -2.54 -0.48 6.12
N PRO A 53 -3.59 -1.23 5.78
CA PRO A 53 -4.33 -2.05 6.74
C PRO A 53 -3.49 -3.20 7.31
N HIS A 54 -2.42 -3.55 6.62
CA HIS A 54 -1.48 -4.55 7.10
C HIS A 54 -0.80 -4.01 8.34
N CYS A 55 -0.30 -2.77 8.20
CA CYS A 55 0.34 -2.05 9.29
C CYS A 55 -0.60 -1.92 10.47
N GLU A 56 -1.84 -1.56 10.18
CA GLU A 56 -2.88 -1.42 11.20
C GLU A 56 -3.07 -2.72 11.99
N LYS A 57 -2.82 -3.85 11.34
CA LYS A 57 -2.94 -5.14 12.00
C LYS A 57 -1.63 -5.50 12.70
N GLU A 58 -0.51 -5.22 12.05
CA GLU A 58 0.80 -5.58 12.57
C GLU A 58 1.15 -4.75 13.80
N GLY A 59 0.61 -3.54 13.89
CA GLY A 59 0.85 -2.72 15.06
C GLY A 59 0.08 -1.42 15.04
N ILE A 60 -0.75 -1.22 16.05
CA ILE A 60 -1.49 0.03 16.20
C ILE A 60 -0.53 1.15 16.54
N GLN A 61 -0.35 2.08 15.61
CA GLN A 61 0.58 3.18 15.80
C GLN A 61 -0.10 4.32 16.53
ZN ZN B . 2.05 -1.16 5.76
ZN ZN C . -4.74 -6.27 -5.34
N GLY A 1 13.16 2.50 -12.97
CA GLY A 1 12.24 3.64 -12.67
C GLY A 1 11.71 3.59 -11.25
N PRO A 2 10.42 3.91 -11.06
CA PRO A 2 9.81 3.96 -9.74
C PRO A 2 9.47 2.58 -9.18
N LEU A 3 10.14 2.23 -8.09
CA LEU A 3 9.85 0.99 -7.38
C LEU A 3 10.03 1.19 -5.87
N GLY A 4 11.11 1.86 -5.51
CA GLY A 4 11.38 2.15 -4.13
C GLY A 4 11.45 3.65 -3.87
N SER A 5 10.97 4.42 -4.83
CA SER A 5 10.96 5.87 -4.72
C SER A 5 10.07 6.31 -3.57
N TYR A 6 9.04 5.53 -3.32
CA TYR A 6 8.09 5.82 -2.26
C TYR A 6 8.63 5.40 -0.90
N GLU A 7 9.54 6.21 -0.35
CA GLU A 7 10.13 5.99 0.97
C GLU A 7 11.05 4.77 0.98
N THR A 8 10.47 3.59 0.97
CA THR A 8 11.24 2.36 1.00
C THR A 8 11.01 1.56 -0.28
N ASP A 9 11.90 0.63 -0.54
CA ASP A 9 11.82 -0.21 -1.73
C ASP A 9 10.76 -1.27 -1.55
N HIS A 10 9.86 -1.38 -2.53
CA HIS A 10 8.83 -2.40 -2.49
C HIS A 10 8.45 -2.87 -3.88
N GLN A 11 7.79 -4.02 -3.91
CA GLN A 11 7.39 -4.68 -5.15
C GLN A 11 6.47 -3.80 -5.99
N ASP A 12 6.35 -4.14 -7.26
CA ASP A 12 5.48 -3.41 -8.18
C ASP A 12 4.22 -4.21 -8.48
N TYR A 13 4.03 -5.29 -7.73
CA TYR A 13 2.87 -6.16 -7.93
C TYR A 13 2.10 -6.31 -6.63
N CYS A 14 0.81 -6.59 -6.75
CA CYS A 14 -0.05 -6.81 -5.60
C CYS A 14 0.18 -8.19 -5.03
N GLU A 15 0.40 -8.27 -3.73
CA GLU A 15 0.61 -9.55 -3.08
C GLU A 15 -0.73 -10.21 -2.74
N VAL A 16 -1.82 -9.48 -2.94
CA VAL A 16 -3.15 -10.01 -2.66
C VAL A 16 -3.79 -10.57 -3.92
N CYS A 17 -3.81 -9.78 -4.99
CA CYS A 17 -4.38 -10.23 -6.25
C CYS A 17 -3.33 -10.89 -7.13
N GLN A 18 -2.06 -10.63 -6.82
CA GLN A 18 -0.92 -11.14 -7.59
C GLN A 18 -0.84 -10.46 -8.95
N GLN A 19 -1.55 -9.34 -9.07
CA GLN A 19 -1.58 -8.57 -10.31
C GLN A 19 -0.75 -7.31 -10.18
N GLY A 20 -0.91 -6.38 -11.09
CA GLY A 20 -0.21 -5.12 -11.01
C GLY A 20 -1.09 -3.95 -11.36
N GLY A 21 -0.50 -2.83 -11.71
CA GLY A 21 -1.26 -1.67 -12.12
C GLY A 21 -1.45 -0.68 -10.99
N GLU A 22 -2.70 -0.31 -10.74
CA GLU A 22 -3.03 0.69 -9.72
C GLU A 22 -2.95 0.10 -8.32
N ILE A 23 -1.74 -0.23 -7.89
CA ILE A 23 -1.51 -0.70 -6.54
C ILE A 23 -1.06 0.47 -5.67
N ILE A 24 -1.23 0.31 -4.37
CA ILE A 24 -0.78 1.31 -3.43
C ILE A 24 0.51 0.84 -2.79
N LEU A 25 1.40 1.77 -2.53
CA LEU A 25 2.67 1.44 -1.91
C LEU A 25 2.72 2.05 -0.53
N CYS A 26 2.63 1.20 0.50
CA CYS A 26 2.72 1.66 1.86
C CYS A 26 4.08 2.32 2.10
N ASP A 27 4.09 3.35 2.92
CA ASP A 27 5.32 4.06 3.21
C ASP A 27 6.05 3.35 4.33
N THR A 28 5.31 2.58 5.08
CA THR A 28 5.85 1.90 6.24
C THR A 28 5.99 0.40 5.97
N CYS A 29 5.56 -0.02 4.79
CA CYS A 29 5.64 -1.43 4.41
C CYS A 29 6.49 -1.62 3.16
N PRO A 30 7.13 -2.78 3.03
CA PRO A 30 7.82 -3.19 1.82
C PRO A 30 6.87 -3.98 0.90
N ARG A 31 5.58 -3.84 1.14
CA ARG A 31 4.57 -4.56 0.40
C ARG A 31 3.96 -3.68 -0.70
N ALA A 32 3.05 -4.27 -1.47
CA ALA A 32 2.35 -3.53 -2.52
C ALA A 32 1.07 -4.26 -2.88
N TYR A 33 -0.03 -3.53 -2.89
CA TYR A 33 -1.34 -4.07 -3.21
C TYR A 33 -2.30 -2.96 -3.58
N HIS A 34 -3.33 -3.28 -4.34
CA HIS A 34 -4.31 -2.29 -4.78
C HIS A 34 -5.10 -1.75 -3.59
N MET A 35 -5.96 -0.78 -3.86
CA MET A 35 -6.81 -0.21 -2.81
C MET A 35 -7.97 -1.15 -2.50
N VAL A 36 -8.44 -1.86 -3.53
CA VAL A 36 -9.62 -2.70 -3.42
C VAL A 36 -9.37 -3.96 -2.60
N CYS A 37 -8.17 -4.52 -2.71
CA CYS A 37 -7.82 -5.74 -2.00
C CYS A 37 -7.75 -5.48 -0.51
N LEU A 38 -7.26 -4.30 -0.15
CA LEU A 38 -7.19 -3.88 1.24
C LEU A 38 -8.58 -3.69 1.82
N ASP A 39 -9.41 -2.94 1.12
CA ASP A 39 -10.77 -2.66 1.57
C ASP A 39 -11.62 -2.16 0.42
N PRO A 40 -12.76 -2.81 0.16
CA PRO A 40 -13.70 -2.43 -0.90
C PRO A 40 -14.34 -1.07 -0.66
N ASP A 41 -14.30 -0.61 0.59
CA ASP A 41 -14.88 0.69 0.96
C ASP A 41 -13.83 1.58 1.60
N MET A 42 -12.58 1.43 1.19
CA MET A 42 -11.49 2.21 1.75
C MET A 42 -11.57 3.65 1.28
N GLU A 43 -11.85 4.55 2.21
CA GLU A 43 -11.96 5.97 1.91
C GLU A 43 -10.65 6.70 2.22
N LYS A 44 -9.64 5.94 2.60
CA LYS A 44 -8.34 6.50 2.96
C LYS A 44 -7.46 6.64 1.72
N ALA A 45 -7.41 7.84 1.18
CA ALA A 45 -6.61 8.12 -0.01
C ALA A 45 -5.13 8.23 0.33
N PRO A 46 -4.25 7.84 -0.60
CA PRO A 46 -2.81 7.92 -0.40
C PRO A 46 -2.27 9.33 -0.61
N GLU A 47 -2.76 10.26 0.19
CA GLU A 47 -2.39 11.66 0.07
C GLU A 47 -1.10 11.96 0.84
N GLY A 48 0.02 11.51 0.29
CA GLY A 48 1.30 11.70 0.96
C GLY A 48 1.50 10.71 2.08
N LYS A 49 0.84 10.97 3.20
CA LYS A 49 0.89 10.06 4.34
C LYS A 49 -0.16 8.97 4.18
N TRP A 50 0.31 7.75 3.97
CA TRP A 50 -0.57 6.62 3.79
C TRP A 50 0.03 5.36 4.39
N SER A 51 -0.66 4.80 5.36
CA SER A 51 -0.29 3.51 5.91
C SER A 51 -1.42 2.52 5.65
N CYS A 52 -1.04 1.37 5.12
CA CYS A 52 -2.00 0.34 4.76
C CYS A 52 -2.79 -0.16 5.97
N PRO A 53 -3.96 -0.76 5.73
CA PRO A 53 -4.72 -1.44 6.79
C PRO A 53 -4.00 -2.69 7.31
N HIS A 54 -3.03 -3.16 6.53
CA HIS A 54 -2.26 -4.35 6.92
C HIS A 54 -1.21 -3.96 7.97
N CYS A 55 -0.91 -2.67 8.02
CA CYS A 55 -0.05 -2.11 9.05
C CYS A 55 -0.65 -2.37 10.43
N GLU A 56 -1.95 -2.13 10.54
CA GLU A 56 -2.67 -2.32 11.79
C GLU A 56 -2.74 -3.79 12.16
N LYS A 57 -2.50 -4.65 11.18
CA LYS A 57 -2.51 -6.09 11.40
C LYS A 57 -1.20 -6.52 12.08
N GLU A 58 -0.14 -5.76 11.88
CA GLU A 58 1.14 -6.06 12.49
C GLU A 58 1.34 -5.22 13.74
N GLY A 59 0.75 -4.04 13.74
CA GLY A 59 0.89 -3.15 14.88
C GLY A 59 -0.39 -3.04 15.67
N ILE A 60 -0.72 -4.10 16.39
CA ILE A 60 -1.94 -4.13 17.19
C ILE A 60 -1.63 -3.94 18.66
N GLN A 61 -0.42 -4.32 19.04
CA GLN A 61 0.03 -4.22 20.41
C GLN A 61 1.50 -3.80 20.46
ZN ZN B . 1.63 -0.83 5.85
ZN ZN C . -4.74 -6.21 -5.36
N GLY A 1 2.57 17.38 -8.14
CA GLY A 1 3.94 16.89 -7.93
C GLY A 1 3.96 15.55 -7.21
N PRO A 2 5.14 14.92 -7.07
CA PRO A 2 5.26 13.63 -6.40
C PRO A 2 5.16 13.78 -4.89
N LEU A 3 4.05 13.34 -4.34
CA LEU A 3 3.85 13.41 -2.90
C LEU A 3 3.99 12.02 -2.28
N GLY A 4 3.96 11.01 -3.13
CA GLY A 4 4.08 9.64 -2.67
C GLY A 4 5.52 9.21 -2.46
N SER A 5 6.24 9.95 -1.64
CA SER A 5 7.60 9.58 -1.27
C SER A 5 7.56 8.54 -0.16
N TYR A 6 7.70 7.27 -0.53
CA TYR A 6 7.50 6.18 0.41
C TYR A 6 8.76 5.89 1.23
N GLU A 7 8.53 5.56 2.49
CA GLU A 7 9.59 5.22 3.42
C GLU A 7 10.33 3.97 2.96
N THR A 8 9.57 2.90 2.73
CA THR A 8 10.13 1.63 2.35
C THR A 8 10.07 1.45 0.84
N ASP A 9 11.17 0.99 0.26
CA ASP A 9 11.16 0.54 -1.13
C ASP A 9 10.50 -0.82 -1.17
N HIS A 10 9.55 -1.00 -2.07
CA HIS A 10 8.71 -2.19 -2.05
C HIS A 10 8.36 -2.67 -3.45
N GLN A 11 7.59 -3.76 -3.48
CA GLN A 11 7.22 -4.42 -4.73
C GLN A 11 6.31 -3.55 -5.60
N ASP A 12 6.28 -3.88 -6.89
CA ASP A 12 5.45 -3.16 -7.84
C ASP A 12 4.34 -4.08 -8.35
N TYR A 13 3.66 -4.73 -7.42
CA TYR A 13 2.54 -5.61 -7.75
C TYR A 13 1.66 -5.82 -6.52
N CYS A 14 0.41 -6.15 -6.76
CA CYS A 14 -0.53 -6.50 -5.71
C CYS A 14 -0.18 -7.87 -5.17
N GLU A 15 0.03 -7.98 -3.87
CA GLU A 15 0.35 -9.25 -3.26
C GLU A 15 -0.88 -10.16 -3.25
N VAL A 16 -2.05 -9.54 -3.35
CA VAL A 16 -3.30 -10.29 -3.35
C VAL A 16 -3.60 -10.84 -4.74
N CYS A 17 -3.44 -9.99 -5.75
CA CYS A 17 -3.69 -10.38 -7.13
C CYS A 17 -2.48 -11.10 -7.72
N GLN A 18 -1.29 -10.81 -7.17
CA GLN A 18 -0.01 -11.26 -7.70
C GLN A 18 0.32 -10.49 -8.99
N GLN A 19 -0.41 -9.42 -9.20
CA GLN A 19 -0.26 -8.56 -10.37
C GLN A 19 -1.08 -7.28 -10.17
N GLY A 20 -0.41 -6.15 -10.16
CA GLY A 20 -1.11 -4.92 -9.88
C GLY A 20 -0.39 -3.69 -10.39
N GLY A 21 -1.12 -2.83 -11.09
CA GLY A 21 -0.57 -1.58 -11.56
C GLY A 21 -0.99 -0.43 -10.68
N GLU A 22 -2.29 -0.17 -10.64
CA GLU A 22 -2.85 0.88 -9.79
C GLU A 22 -2.96 0.38 -8.35
N ILE A 23 -1.81 0.04 -7.78
CA ILE A 23 -1.73 -0.43 -6.42
C ILE A 23 -1.32 0.71 -5.49
N ILE A 24 -1.48 0.52 -4.19
CA ILE A 24 -1.06 1.51 -3.24
C ILE A 24 0.30 1.13 -2.67
N LEU A 25 1.10 2.14 -2.35
CA LEU A 25 2.45 1.89 -1.84
C LEU A 25 2.59 2.43 -0.43
N CYS A 26 2.58 1.51 0.53
CA CYS A 26 2.72 1.82 1.95
C CYS A 26 4.05 2.51 2.25
N ASP A 27 4.07 3.30 3.30
CA ASP A 27 5.31 3.83 3.84
C ASP A 27 5.99 2.77 4.68
N THR A 28 5.19 2.03 5.41
CA THR A 28 5.67 1.26 6.54
C THR A 28 6.16 -0.15 6.17
N CYS A 29 5.56 -0.78 5.16
CA CYS A 29 5.97 -2.14 4.80
C CYS A 29 6.45 -2.22 3.36
N PRO A 30 7.11 -3.33 3.00
CA PRO A 30 7.52 -3.60 1.63
C PRO A 30 6.40 -4.26 0.81
N ARG A 31 5.17 -4.12 1.28
CA ARG A 31 4.03 -4.71 0.61
C ARG A 31 3.40 -3.72 -0.37
N ALA A 32 2.55 -4.25 -1.24
CA ALA A 32 1.81 -3.43 -2.17
C ALA A 32 0.59 -4.19 -2.67
N TYR A 33 -0.54 -3.51 -2.77
CA TYR A 33 -1.77 -4.11 -3.27
C TYR A 33 -2.77 -3.05 -3.69
N HIS A 34 -3.77 -3.46 -4.48
CA HIS A 34 -4.82 -2.56 -4.92
C HIS A 34 -5.69 -2.14 -3.73
N MET A 35 -6.38 -1.01 -3.87
CA MET A 35 -7.29 -0.55 -2.84
C MET A 35 -8.46 -1.52 -2.67
N VAL A 36 -8.93 -2.04 -3.80
CA VAL A 36 -10.07 -2.94 -3.82
C VAL A 36 -9.71 -4.33 -3.30
N CYS A 37 -8.42 -4.55 -3.07
CA CYS A 37 -7.92 -5.79 -2.54
C CYS A 37 -7.63 -5.64 -1.04
N LEU A 38 -7.46 -4.40 -0.63
CA LEU A 38 -7.36 -4.06 0.77
C LEU A 38 -8.73 -4.02 1.40
N ASP A 39 -9.63 -3.28 0.76
CA ASP A 39 -10.99 -3.14 1.23
C ASP A 39 -11.93 -3.05 0.04
N PRO A 40 -13.10 -3.74 0.12
CA PRO A 40 -14.10 -3.80 -0.93
C PRO A 40 -14.18 -2.55 -1.82
N ASP A 41 -14.42 -1.41 -1.19
CA ASP A 41 -14.50 -0.14 -1.92
C ASP A 41 -14.16 1.01 -0.99
N MET A 42 -12.98 0.94 -0.39
CA MET A 42 -12.53 1.93 0.58
C MET A 42 -12.31 3.29 -0.09
N GLU A 43 -13.12 4.26 0.31
CA GLU A 43 -13.02 5.61 -0.22
C GLU A 43 -12.14 6.47 0.67
N LYS A 44 -10.93 6.00 0.91
CA LYS A 44 -9.95 6.76 1.67
C LYS A 44 -8.67 6.91 0.86
N ALA A 45 -8.60 8.00 0.12
CA ALA A 45 -7.50 8.25 -0.80
C ALA A 45 -6.15 8.30 -0.10
N PRO A 46 -5.14 7.62 -0.67
CA PRO A 46 -3.77 7.67 -0.18
C PRO A 46 -3.08 8.95 -0.63
N GLU A 47 -3.40 10.05 0.03
CA GLU A 47 -2.89 11.36 -0.34
C GLU A 47 -1.46 11.57 0.15
N GLY A 48 -0.50 11.18 -0.68
CA GLY A 48 0.90 11.37 -0.34
C GLY A 48 1.39 10.34 0.67
N LYS A 49 1.18 10.64 1.94
CA LYS A 49 1.56 9.71 3.00
C LYS A 49 0.42 8.76 3.28
N TRP A 50 0.75 7.50 3.53
CA TRP A 50 -0.24 6.46 3.64
C TRP A 50 0.33 5.23 4.35
N SER A 51 -0.43 4.67 5.28
CA SER A 51 -0.05 3.44 5.95
C SER A 51 -1.14 2.41 5.78
N CYS A 52 -0.75 1.22 5.31
CA CYS A 52 -1.70 0.16 5.05
C CYS A 52 -2.32 -0.38 6.34
N PRO A 53 -3.53 -0.97 6.24
CA PRO A 53 -4.19 -1.62 7.37
C PRO A 53 -3.44 -2.86 7.85
N HIS A 54 -2.50 -3.34 7.04
CA HIS A 54 -1.67 -4.48 7.43
C HIS A 54 -0.67 -4.05 8.48
N CYS A 55 -0.07 -2.89 8.25
CA CYS A 55 0.87 -2.32 9.18
C CYS A 55 0.18 -1.95 10.49
N GLU A 56 -1.04 -1.46 10.37
CA GLU A 56 -1.83 -1.11 11.54
C GLU A 56 -2.25 -2.37 12.31
N LYS A 57 -2.31 -3.48 11.60
CA LYS A 57 -2.69 -4.76 12.20
C LYS A 57 -1.47 -5.47 12.80
N GLU A 58 -0.40 -5.55 12.02
CA GLU A 58 0.82 -6.24 12.45
C GLU A 58 1.57 -5.42 13.49
N GLY A 59 1.42 -4.11 13.39
CA GLY A 59 2.05 -3.21 14.35
C GLY A 59 1.02 -2.52 15.21
N ILE A 60 0.16 -3.32 15.83
CA ILE A 60 -0.92 -2.81 16.66
C ILE A 60 -0.39 -2.05 17.87
N GLN A 61 -1.17 -1.09 18.35
CA GLN A 61 -0.81 -0.29 19.50
C GLN A 61 -2.07 0.24 20.15
ZN ZN B . 2.08 -1.40 5.34
ZN ZN C . -5.18 -6.49 -6.34
N GLY A 1 9.01 18.15 -8.37
CA GLY A 1 9.92 17.67 -7.29
C GLY A 1 9.97 16.16 -7.22
N PRO A 2 10.83 15.59 -6.35
CA PRO A 2 10.93 14.14 -6.16
C PRO A 2 9.67 13.57 -5.51
N LEU A 3 9.04 12.61 -6.16
CA LEU A 3 7.82 12.03 -5.65
C LEU A 3 8.11 10.87 -4.70
N GLY A 4 8.11 11.16 -3.40
CA GLY A 4 8.34 10.14 -2.41
C GLY A 4 7.05 9.59 -1.86
N SER A 5 6.28 8.91 -2.69
CA SER A 5 5.00 8.36 -2.28
C SER A 5 5.19 7.08 -1.46
N TYR A 6 6.44 6.69 -1.25
CA TYR A 6 6.75 5.48 -0.52
C TYR A 6 8.00 5.70 0.34
N GLU A 7 7.95 5.22 1.57
CA GLU A 7 9.10 5.27 2.46
C GLU A 7 10.26 4.46 1.88
N THR A 8 10.01 3.20 1.60
CA THR A 8 11.03 2.31 1.08
C THR A 8 10.59 1.71 -0.24
N ASP A 9 11.55 1.38 -1.09
CA ASP A 9 11.25 0.71 -2.34
C ASP A 9 10.74 -0.69 -2.09
N HIS A 10 9.87 -1.17 -2.96
CA HIS A 10 9.22 -2.46 -2.78
C HIS A 10 8.64 -2.95 -4.10
N GLN A 11 7.89 -4.04 -4.04
CA GLN A 11 7.29 -4.64 -5.22
C GLN A 11 6.30 -3.68 -5.89
N ASP A 12 6.06 -3.91 -7.18
CA ASP A 12 5.12 -3.10 -7.94
C ASP A 12 3.92 -3.94 -8.39
N TYR A 13 3.63 -4.98 -7.61
CA TYR A 13 2.50 -5.85 -7.90
C TYR A 13 1.70 -6.14 -6.63
N CYS A 14 0.48 -6.60 -6.80
CA CYS A 14 -0.40 -6.87 -5.67
C CYS A 14 0.04 -8.10 -4.90
N GLU A 15 0.04 -8.00 -3.59
CA GLU A 15 0.32 -9.14 -2.73
C GLU A 15 -0.90 -10.07 -2.72
N VAL A 16 -2.04 -9.59 -3.22
CA VAL A 16 -3.25 -10.39 -3.26
C VAL A 16 -3.49 -10.94 -4.67
N CYS A 17 -3.46 -10.07 -5.67
CA CYS A 17 -3.73 -10.47 -7.04
C CYS A 17 -2.47 -10.95 -7.75
N GLN A 18 -1.33 -10.44 -7.28
CA GLN A 18 -0.04 -10.64 -7.95
C GLN A 18 -0.08 -9.97 -9.33
N GLN A 19 -0.95 -8.97 -9.43
CA GLN A 19 -1.16 -8.25 -10.68
C GLN A 19 -0.58 -6.85 -10.59
N GLY A 20 -0.34 -6.26 -11.74
CA GLY A 20 0.12 -4.88 -11.77
C GLY A 20 -1.05 -3.91 -11.80
N GLY A 21 -0.77 -2.66 -12.14
CA GLY A 21 -1.83 -1.67 -12.22
C GLY A 21 -1.68 -0.60 -11.17
N GLU A 22 -2.77 0.07 -10.85
CA GLU A 22 -2.77 1.10 -9.83
C GLU A 22 -2.82 0.49 -8.44
N ILE A 23 -1.66 0.13 -7.93
CA ILE A 23 -1.54 -0.43 -6.59
C ILE A 23 -1.10 0.64 -5.61
N ILE A 24 -1.28 0.39 -4.33
CA ILE A 24 -0.87 1.35 -3.32
C ILE A 24 0.40 0.86 -2.66
N LEU A 25 1.27 1.80 -2.32
CA LEU A 25 2.57 1.45 -1.75
C LEU A 25 2.64 1.86 -0.29
N CYS A 26 2.73 0.86 0.58
CA CYS A 26 2.88 1.07 2.01
C CYS A 26 4.08 1.96 2.36
N ASP A 27 3.95 2.68 3.47
CA ASP A 27 5.07 3.34 4.10
C ASP A 27 5.71 2.40 5.11
N THR A 28 4.86 1.61 5.75
CA THR A 28 5.28 0.80 6.88
C THR A 28 5.53 -0.66 6.51
N CYS A 29 4.80 -1.20 5.54
CA CYS A 29 5.12 -2.52 5.01
C CYS A 29 6.00 -2.37 3.76
N PRO A 30 6.66 -3.44 3.33
CA PRO A 30 7.23 -3.52 2.00
C PRO A 30 6.18 -4.05 1.02
N ARG A 31 4.93 -3.75 1.33
CA ARG A 31 3.79 -4.28 0.63
C ARG A 31 3.39 -3.43 -0.56
N ALA A 32 2.58 -4.00 -1.41
CA ALA A 32 1.99 -3.30 -2.53
C ALA A 32 0.76 -4.07 -3.01
N TYR A 33 -0.38 -3.41 -3.07
CA TYR A 33 -1.59 -4.03 -3.59
C TYR A 33 -2.63 -3.00 -3.98
N HIS A 34 -3.59 -3.42 -4.79
CA HIS A 34 -4.65 -2.54 -5.23
C HIS A 34 -5.48 -2.07 -4.03
N MET A 35 -6.11 -0.91 -4.15
CA MET A 35 -6.91 -0.34 -3.06
C MET A 35 -8.04 -1.28 -2.67
N VAL A 36 -8.58 -1.96 -3.66
CA VAL A 36 -9.74 -2.82 -3.49
C VAL A 36 -9.39 -4.15 -2.82
N CYS A 37 -8.10 -4.46 -2.77
CA CYS A 37 -7.64 -5.72 -2.21
C CYS A 37 -7.24 -5.58 -0.75
N LEU A 38 -6.91 -4.36 -0.34
CA LEU A 38 -6.67 -4.08 1.05
C LEU A 38 -7.98 -3.81 1.76
N ASP A 39 -8.88 -3.12 1.05
CA ASP A 39 -10.23 -2.85 1.54
C ASP A 39 -11.13 -2.44 0.39
N PRO A 40 -12.06 -3.33 0.00
CA PRO A 40 -12.95 -3.12 -1.16
C PRO A 40 -14.04 -2.09 -0.88
N ASP A 41 -13.64 -0.93 -0.40
CA ASP A 41 -14.56 0.16 -0.12
C ASP A 41 -13.95 1.50 -0.50
N MET A 42 -12.65 1.63 -0.29
CA MET A 42 -11.96 2.87 -0.55
C MET A 42 -11.36 2.87 -1.95
N GLU A 43 -11.18 4.07 -2.51
CA GLU A 43 -10.58 4.21 -3.83
C GLU A 43 -9.69 5.45 -3.84
N LYS A 44 -10.26 6.60 -3.49
CA LYS A 44 -9.53 7.85 -3.48
C LYS A 44 -9.15 8.25 -2.06
N ALA A 45 -8.89 7.23 -1.25
CA ALA A 45 -8.55 7.42 0.15
C ALA A 45 -7.07 7.78 0.36
N PRO A 46 -6.11 7.08 -0.30
CA PRO A 46 -4.68 7.36 -0.13
C PRO A 46 -4.27 8.69 -0.76
N GLU A 47 -3.90 9.65 0.08
CA GLU A 47 -3.46 10.95 -0.38
C GLU A 47 -2.37 11.49 0.52
N GLY A 48 -1.14 11.09 0.25
CA GLY A 48 -0.01 11.51 1.06
C GLY A 48 0.48 10.38 1.94
N LYS A 49 0.66 10.67 3.23
CA LYS A 49 1.06 9.65 4.19
C LYS A 49 0.06 8.50 4.18
N TRP A 50 0.54 7.30 3.93
CA TRP A 50 -0.36 6.17 3.81
C TRP A 50 0.10 4.99 4.65
N SER A 51 -0.87 4.39 5.33
CA SER A 51 -0.65 3.16 6.05
C SER A 51 -1.85 2.23 5.81
N CYS A 52 -1.58 1.02 5.35
CA CYS A 52 -2.63 0.08 5.02
C CYS A 52 -3.21 -0.57 6.29
N PRO A 53 -4.28 -1.38 6.15
CA PRO A 53 -4.80 -2.18 7.25
C PRO A 53 -3.70 -3.04 7.87
N HIS A 54 -2.80 -3.53 7.03
CA HIS A 54 -1.71 -4.39 7.48
C HIS A 54 -0.63 -3.55 8.16
N CYS A 55 -0.44 -2.33 7.67
CA CYS A 55 0.49 -1.39 8.29
C CYS A 55 0.17 -1.25 9.76
N GLU A 56 -1.09 -0.96 10.05
CA GLU A 56 -1.56 -0.77 11.42
C GLU A 56 -1.67 -2.10 12.16
N LYS A 57 -2.10 -3.14 11.45
CA LYS A 57 -2.26 -4.46 12.05
C LYS A 57 -0.92 -5.00 12.54
N GLU A 58 0.12 -4.81 11.74
CA GLU A 58 1.45 -5.30 12.07
C GLU A 58 2.16 -4.37 13.04
N GLY A 59 1.50 -3.27 13.39
CA GLY A 59 2.05 -2.34 14.35
C GLY A 59 1.70 -2.73 15.77
N ILE A 60 0.79 -1.97 16.37
CA ILE A 60 0.32 -2.26 17.72
C ILE A 60 -1.18 -2.43 17.73
N GLN A 61 -1.63 -3.67 17.57
CA GLN A 61 -3.05 -3.97 17.58
C GLN A 61 -3.29 -5.26 18.34
ZN ZN B . 1.04 -1.67 4.84
ZN ZN C . -5.06 -6.58 -6.09
N GLY A 1 5.39 8.90 2.46
CA GLY A 1 6.40 9.73 3.16
C GLY A 1 6.10 11.20 3.02
N PRO A 2 7.12 12.07 3.12
CA PRO A 2 6.94 13.52 2.99
C PRO A 2 6.55 13.95 1.58
N LEU A 3 7.33 13.54 0.59
CA LEU A 3 7.08 13.90 -0.80
C LEU A 3 6.56 12.70 -1.57
N GLY A 4 7.28 11.60 -1.47
CA GLY A 4 6.86 10.38 -2.15
C GLY A 4 5.89 9.58 -1.30
N SER A 5 4.93 8.95 -1.94
CA SER A 5 3.93 8.15 -1.22
C SER A 5 4.44 6.74 -0.97
N TYR A 6 5.67 6.66 -0.51
CA TYR A 6 6.31 5.40 -0.17
C TYR A 6 7.63 5.66 0.56
N GLU A 7 7.96 4.81 1.52
CA GLU A 7 9.21 4.94 2.24
C GLU A 7 10.17 3.83 1.80
N THR A 8 9.81 2.60 2.14
CA THR A 8 10.57 1.44 1.72
C THR A 8 10.38 1.22 0.22
N ASP A 9 11.50 1.07 -0.50
CA ASP A 9 11.42 0.70 -1.90
C ASP A 9 10.94 -0.73 -2.01
N HIS A 10 9.78 -0.91 -2.62
CA HIS A 10 9.12 -2.20 -2.61
C HIS A 10 8.67 -2.64 -4.00
N GLN A 11 7.98 -3.77 -4.02
CA GLN A 11 7.50 -4.38 -5.24
C GLN A 11 6.56 -3.48 -6.04
N ASP A 12 6.34 -3.85 -7.29
CA ASP A 12 5.40 -3.16 -8.16
C ASP A 12 4.33 -4.14 -8.63
N TYR A 13 3.68 -4.78 -7.67
CA TYR A 13 2.59 -5.70 -7.97
C TYR A 13 1.71 -5.90 -6.75
N CYS A 14 0.47 -6.29 -6.97
CA CYS A 14 -0.47 -6.55 -5.89
C CYS A 14 -0.07 -7.83 -5.18
N GLU A 15 0.01 -7.79 -3.86
CA GLU A 15 0.36 -8.97 -3.09
C GLU A 15 -0.79 -9.97 -3.08
N VAL A 16 -1.99 -9.48 -3.36
CA VAL A 16 -3.16 -10.33 -3.42
C VAL A 16 -3.36 -10.88 -4.83
N CYS A 17 -3.28 -9.99 -5.82
CA CYS A 17 -3.48 -10.39 -7.20
C CYS A 17 -2.22 -11.07 -7.77
N GLN A 18 -1.06 -10.65 -7.27
CA GLN A 18 0.24 -11.13 -7.73
C GLN A 18 0.49 -10.67 -9.16
N GLN A 19 -0.23 -9.64 -9.57
CA GLN A 19 -0.11 -9.10 -10.93
C GLN A 19 0.41 -7.68 -10.89
N GLY A 20 -0.45 -6.74 -10.50
CA GLY A 20 -0.06 -5.35 -10.44
C GLY A 20 -1.15 -4.44 -10.92
N GLY A 21 -0.82 -3.16 -11.12
CA GLY A 21 -1.79 -2.21 -11.61
C GLY A 21 -1.85 -0.98 -10.74
N GLU A 22 -3.05 -0.41 -10.59
CA GLU A 22 -3.25 0.73 -9.72
C GLU A 22 -3.26 0.31 -8.26
N ILE A 23 -2.10 -0.08 -7.77
CA ILE A 23 -1.96 -0.56 -6.40
C ILE A 23 -1.49 0.57 -5.48
N ILE A 24 -1.69 0.40 -4.18
CA ILE A 24 -1.23 1.38 -3.23
C ILE A 24 0.00 0.85 -2.53
N LEU A 25 0.95 1.72 -2.29
CA LEU A 25 2.21 1.31 -1.69
C LEU A 25 2.28 1.80 -0.25
N CYS A 26 2.37 0.88 0.69
CA CYS A 26 2.56 1.24 2.09
C CYS A 26 3.90 1.95 2.25
N ASP A 27 3.95 2.89 3.18
CA ASP A 27 5.18 3.56 3.52
C ASP A 27 6.13 2.62 4.22
N THR A 28 5.63 2.01 5.28
CA THR A 28 6.48 1.24 6.18
C THR A 28 6.74 -0.17 5.65
N CYS A 29 5.74 -0.77 5.02
CA CYS A 29 5.89 -2.13 4.53
C CYS A 29 6.56 -2.18 3.17
N PRO A 30 7.03 -3.36 2.79
CA PRO A 30 7.40 -3.66 1.41
C PRO A 30 6.18 -4.15 0.63
N ARG A 31 5.01 -3.91 1.20
CA ARG A 31 3.76 -4.38 0.63
C ARG A 31 3.27 -3.47 -0.49
N ALA A 32 2.43 -4.03 -1.35
CA ALA A 32 1.80 -3.30 -2.41
C ALA A 32 0.56 -4.06 -2.88
N TYR A 33 -0.58 -3.42 -2.89
CA TYR A 33 -1.81 -4.06 -3.35
C TYR A 33 -2.87 -3.03 -3.71
N HIS A 34 -3.84 -3.46 -4.51
CA HIS A 34 -4.95 -2.61 -4.91
C HIS A 34 -5.72 -2.14 -3.68
N MET A 35 -6.36 -0.98 -3.78
CA MET A 35 -7.15 -0.44 -2.68
C MET A 35 -8.29 -1.39 -2.34
N VAL A 36 -8.86 -1.99 -3.37
CA VAL A 36 -9.95 -2.93 -3.22
C VAL A 36 -9.44 -4.27 -2.67
N CYS A 37 -8.14 -4.50 -2.79
CA CYS A 37 -7.54 -5.76 -2.38
C CYS A 37 -7.07 -5.69 -0.93
N LEU A 38 -6.75 -4.49 -0.44
CA LEU A 38 -6.45 -4.31 0.97
C LEU A 38 -7.75 -4.27 1.76
N ASP A 39 -8.66 -3.44 1.30
CA ASP A 39 -9.98 -3.30 1.90
C ASP A 39 -10.91 -2.62 0.91
N PRO A 40 -11.84 -3.38 0.31
CA PRO A 40 -12.71 -2.87 -0.77
C PRO A 40 -13.55 -1.67 -0.34
N ASP A 41 -13.78 -1.55 0.95
CA ASP A 41 -14.59 -0.46 1.49
C ASP A 41 -13.73 0.54 2.25
N MET A 42 -12.44 0.58 1.92
CA MET A 42 -11.55 1.56 2.52
C MET A 42 -11.39 2.76 1.60
N GLU A 43 -11.70 3.93 2.12
CA GLU A 43 -11.62 5.14 1.32
C GLU A 43 -10.88 6.23 2.08
N LYS A 44 -9.57 6.10 2.12
CA LYS A 44 -8.72 7.15 2.68
C LYS A 44 -7.64 7.52 1.67
N ALA A 45 -7.36 8.81 1.57
CA ALA A 45 -6.46 9.32 0.55
C ALA A 45 -5.00 8.93 0.81
N PRO A 46 -4.35 8.30 -0.19
CA PRO A 46 -2.95 7.97 -0.11
C PRO A 46 -2.07 9.13 -0.58
N GLU A 47 -2.27 10.29 0.04
CA GLU A 47 -1.57 11.50 -0.35
C GLU A 47 -0.26 11.64 0.43
N GLY A 48 0.80 11.06 -0.12
CA GLY A 48 2.10 11.14 0.52
C GLY A 48 2.22 10.21 1.70
N LYS A 49 1.59 10.56 2.81
CA LYS A 49 1.62 9.74 4.01
C LYS A 49 0.52 8.69 3.96
N TRP A 50 0.90 7.43 3.81
CA TRP A 50 -0.07 6.36 3.75
C TRP A 50 0.45 5.11 4.44
N SER A 51 -0.22 4.73 5.51
CA SER A 51 0.07 3.48 6.18
C SER A 51 -0.97 2.44 5.79
N CYS A 52 -0.52 1.32 5.27
CA CYS A 52 -1.42 0.24 4.88
C CYS A 52 -2.30 -0.18 6.05
N PRO A 53 -3.50 -0.71 5.77
CA PRO A 53 -4.39 -1.21 6.81
C PRO A 53 -3.79 -2.41 7.54
N HIS A 54 -2.81 -3.04 6.89
CA HIS A 54 -2.16 -4.21 7.47
C HIS A 54 -1.15 -3.78 8.52
N CYS A 55 -0.66 -2.56 8.40
CA CYS A 55 0.18 -1.96 9.43
C CYS A 55 -0.58 -1.85 10.73
N GLU A 56 -1.81 -1.36 10.63
CA GLU A 56 -2.69 -1.24 11.78
C GLU A 56 -3.00 -2.63 12.34
N LYS A 57 -3.05 -3.61 11.46
CA LYS A 57 -3.29 -4.99 11.85
C LYS A 57 -2.06 -5.57 12.56
N GLU A 58 -0.88 -5.15 12.12
CA GLU A 58 0.36 -5.62 12.70
C GLU A 58 0.73 -4.81 13.94
N GLY A 59 -0.13 -3.87 14.29
CA GLY A 59 0.09 -3.08 15.48
C GLY A 59 0.89 -1.82 15.20
N ILE A 60 2.20 -1.97 15.16
CA ILE A 60 3.09 -0.84 14.94
C ILE A 60 4.16 -1.17 13.92
N GLN A 61 4.46 -0.22 13.05
CA GLN A 61 5.53 -0.37 12.09
C GLN A 61 6.46 0.84 12.18
ZN ZN B . 2.19 -1.29 6.15
ZN ZN C . -5.18 -6.60 -6.43
N GLY A 1 17.14 3.16 -12.48
CA GLY A 1 16.60 4.42 -13.06
C GLY A 1 15.60 5.08 -12.16
N PRO A 2 14.46 5.54 -12.71
CA PRO A 2 13.41 6.21 -11.95
C PRO A 2 12.60 5.23 -11.11
N LEU A 3 12.75 5.33 -9.80
CA LEU A 3 12.02 4.49 -8.87
C LEU A 3 10.68 5.13 -8.51
N GLY A 4 9.85 4.40 -7.78
CA GLY A 4 8.56 4.91 -7.37
C GLY A 4 8.15 4.38 -6.01
N SER A 5 8.91 4.74 -4.98
CA SER A 5 8.64 4.26 -3.64
C SER A 5 8.48 5.43 -2.67
N TYR A 6 8.13 5.13 -1.42
CA TYR A 6 7.86 6.17 -0.44
C TYR A 6 8.85 6.05 0.73
N GLU A 7 8.37 5.74 1.94
CA GLU A 7 9.27 5.60 3.08
C GLU A 7 10.25 4.46 2.84
N THR A 8 9.72 3.26 2.72
CA THR A 8 10.53 2.10 2.42
C THR A 8 10.36 1.71 0.94
N ASP A 9 11.30 0.91 0.42
CA ASP A 9 11.20 0.44 -0.95
C ASP A 9 10.34 -0.82 -0.99
N HIS A 10 9.60 -0.98 -2.07
CA HIS A 10 8.63 -2.07 -2.17
C HIS A 10 8.36 -2.47 -3.60
N GLN A 11 7.64 -3.58 -3.74
CA GLN A 11 7.27 -4.14 -5.02
C GLN A 11 6.35 -3.20 -5.79
N ASP A 12 6.26 -3.42 -7.09
CA ASP A 12 5.37 -2.63 -7.94
C ASP A 12 4.22 -3.49 -8.44
N TYR A 13 3.86 -4.49 -7.66
CA TYR A 13 2.77 -5.39 -8.00
C TYR A 13 1.97 -5.78 -6.77
N CYS A 14 0.72 -6.15 -6.98
CA CYS A 14 -0.19 -6.52 -5.90
C CYS A 14 0.18 -7.89 -5.34
N GLU A 15 0.17 -8.00 -4.03
CA GLU A 15 0.42 -9.27 -3.36
C GLU A 15 -0.88 -10.06 -3.23
N VAL A 16 -2.01 -9.43 -3.53
CA VAL A 16 -3.31 -10.08 -3.41
C VAL A 16 -3.83 -10.54 -4.78
N CYS A 17 -3.79 -9.65 -5.76
CA CYS A 17 -4.23 -9.99 -7.12
C CYS A 17 -3.07 -10.52 -7.94
N GLN A 18 -1.85 -10.18 -7.51
CA GLN A 18 -0.63 -10.56 -8.23
C GLN A 18 -0.60 -9.88 -9.60
N GLN A 19 -1.14 -8.67 -9.64
CA GLN A 19 -1.22 -7.89 -10.86
C GLN A 19 -0.62 -6.50 -10.63
N GLY A 20 -0.59 -5.68 -11.68
CA GLY A 20 -0.07 -4.35 -11.54
C GLY A 20 -1.14 -3.29 -11.68
N GLY A 21 -0.74 -2.10 -12.11
CA GLY A 21 -1.69 -1.02 -12.27
C GLY A 21 -1.70 -0.07 -11.09
N GLU A 22 -2.88 0.42 -10.73
CA GLU A 22 -3.03 1.35 -9.63
C GLU A 22 -3.02 0.65 -8.28
N ILE A 23 -1.84 0.24 -7.84
CA ILE A 23 -1.67 -0.36 -6.52
C ILE A 23 -1.26 0.70 -5.52
N ILE A 24 -1.41 0.40 -4.23
CA ILE A 24 -1.00 1.33 -3.21
C ILE A 24 0.33 0.91 -2.63
N LEU A 25 1.19 1.87 -2.30
CA LEU A 25 2.48 1.57 -1.74
C LEU A 25 2.53 1.95 -0.26
N CYS A 26 2.60 0.95 0.59
CA CYS A 26 2.72 1.17 2.03
C CYS A 26 3.98 1.96 2.35
N ASP A 27 3.96 2.64 3.47
CA ASP A 27 5.13 3.37 3.92
C ASP A 27 6.00 2.48 4.79
N THR A 28 5.35 1.63 5.57
CA THR A 28 6.02 0.94 6.65
C THR A 28 6.57 -0.43 6.26
N CYS A 29 6.05 -1.03 5.19
CA CYS A 29 6.53 -2.33 4.76
C CYS A 29 6.74 -2.38 3.24
N PRO A 30 7.56 -3.34 2.77
CA PRO A 30 7.80 -3.51 1.34
C PRO A 30 6.68 -4.26 0.63
N ARG A 31 5.45 -3.99 1.01
CA ARG A 31 4.30 -4.62 0.38
C ARG A 31 3.63 -3.67 -0.60
N ALA A 32 2.77 -4.22 -1.44
CA ALA A 32 2.01 -3.44 -2.40
C ALA A 32 0.79 -4.20 -2.86
N TYR A 33 -0.35 -3.52 -2.87
CA TYR A 33 -1.58 -4.08 -3.41
C TYR A 33 -2.56 -2.97 -3.71
N HIS A 34 -3.60 -3.27 -4.48
CA HIS A 34 -4.61 -2.29 -4.82
C HIS A 34 -5.47 -2.01 -3.59
N MET A 35 -6.31 -0.99 -3.68
CA MET A 35 -7.23 -0.67 -2.61
C MET A 35 -8.43 -1.62 -2.62
N VAL A 36 -8.76 -2.14 -3.79
CA VAL A 36 -9.95 -2.98 -3.97
C VAL A 36 -9.77 -4.38 -3.38
N CYS A 37 -8.55 -4.87 -3.38
CA CYS A 37 -8.24 -6.19 -2.84
C CYS A 37 -8.36 -6.19 -1.32
N LEU A 38 -7.90 -5.10 -0.72
CA LEU A 38 -7.98 -4.90 0.72
C LEU A 38 -9.44 -4.84 1.16
N ASP A 39 -10.19 -3.94 0.54
CA ASP A 39 -11.61 -3.78 0.85
C ASP A 39 -12.23 -2.74 -0.06
N PRO A 40 -13.32 -3.11 -0.77
CA PRO A 40 -14.05 -2.19 -1.66
C PRO A 40 -14.64 -0.98 -0.94
N ASP A 41 -14.61 -1.04 0.39
CA ASP A 41 -15.18 0.01 1.23
C ASP A 41 -14.22 1.20 1.31
N MET A 42 -12.93 0.93 1.13
CA MET A 42 -11.92 1.96 1.22
C MET A 42 -11.55 2.49 -0.16
N GLU A 43 -11.41 3.79 -0.28
CA GLU A 43 -11.04 4.40 -1.55
C GLU A 43 -9.98 5.48 -1.36
N LYS A 44 -10.38 6.62 -0.82
CA LYS A 44 -9.48 7.75 -0.67
C LYS A 44 -8.73 7.69 0.65
N ALA A 45 -7.87 6.69 0.78
CA ALA A 45 -7.05 6.54 1.97
C ALA A 45 -5.61 7.04 1.74
N PRO A 46 -4.93 6.63 0.66
CA PRO A 46 -3.54 7.03 0.41
C PRO A 46 -3.43 8.45 -0.15
N GLU A 47 -3.69 9.45 0.69
CA GLU A 47 -3.55 10.84 0.29
C GLU A 47 -2.08 11.20 0.16
N GLY A 48 -1.27 10.60 1.01
CA GLY A 48 0.16 10.78 0.95
C GLY A 48 0.88 9.78 1.83
N LYS A 49 0.62 9.87 3.13
CA LYS A 49 1.15 8.91 4.08
C LYS A 49 0.13 7.78 4.24
N TRP A 50 0.56 6.56 4.02
CA TRP A 50 -0.35 5.44 4.02
C TRP A 50 0.33 4.18 4.51
N SER A 51 -0.08 3.71 5.69
CA SER A 51 0.33 2.41 6.17
C SER A 51 -0.72 1.39 5.79
N CYS A 52 -0.29 0.30 5.18
CA CYS A 52 -1.19 -0.77 4.79
C CYS A 52 -1.93 -1.35 6.00
N PRO A 53 -3.02 -2.09 5.75
CA PRO A 53 -3.78 -2.75 6.82
C PRO A 53 -2.93 -3.69 7.67
N HIS A 54 -1.82 -4.17 7.11
CA HIS A 54 -0.92 -5.03 7.87
C HIS A 54 -0.22 -4.19 8.94
N CYS A 55 0.31 -3.05 8.52
CA CYS A 55 1.08 -2.19 9.38
C CYS A 55 0.21 -1.37 10.32
N GLU A 56 -0.88 -0.84 9.80
CA GLU A 56 -1.79 -0.02 10.59
C GLU A 56 -2.32 -0.78 11.80
N LYS A 57 -2.75 -2.01 11.57
CA LYS A 57 -3.31 -2.84 12.64
C LYS A 57 -2.23 -3.20 13.66
N GLU A 58 -0.98 -3.24 13.21
CA GLU A 58 0.14 -3.55 14.10
C GLU A 58 0.62 -2.30 14.84
N GLY A 59 0.00 -1.17 14.52
CA GLY A 59 0.37 0.09 15.15
C GLY A 59 -0.48 0.38 16.37
N ILE A 60 -0.26 1.54 16.97
CA ILE A 60 -0.98 1.93 18.18
C ILE A 60 -1.66 3.28 18.00
N GLN A 61 -2.98 3.27 18.05
CA GLN A 61 -3.77 4.48 17.93
C GLN A 61 -4.82 4.54 19.03
ZN ZN B . 2.61 -2.14 5.41
ZN ZN C . -4.87 -6.13 -5.88
N GLY A 1 4.37 19.63 -3.61
CA GLY A 1 5.08 18.86 -4.65
C GLY A 1 6.19 17.99 -4.08
N PRO A 2 5.97 16.67 -4.00
CA PRO A 2 6.98 15.73 -3.52
C PRO A 2 8.04 15.42 -4.58
N LEU A 3 9.17 14.86 -4.14
CA LEU A 3 10.26 14.52 -5.04
C LEU A 3 10.04 13.17 -5.71
N GLY A 4 9.04 12.43 -5.23
CA GLY A 4 8.77 11.12 -5.76
C GLY A 4 9.20 10.02 -4.82
N SER A 5 9.49 10.40 -3.58
CA SER A 5 9.89 9.45 -2.57
C SER A 5 8.68 8.92 -1.81
N TYR A 6 8.82 7.74 -1.21
CA TYR A 6 7.76 7.13 -0.41
C TYR A 6 8.36 6.07 0.49
N GLU A 7 9.24 5.26 -0.08
CA GLU A 7 9.85 4.14 0.63
C GLU A 7 11.10 3.68 -0.12
N THR A 8 11.42 2.40 -0.02
CA THR A 8 12.59 1.84 -0.66
C THR A 8 12.28 1.42 -2.10
N ASP A 9 11.08 1.77 -2.55
CA ASP A 9 10.56 1.33 -3.85
C ASP A 9 10.39 -0.19 -3.82
N HIS A 10 9.30 -0.62 -3.20
CA HIS A 10 9.09 -2.04 -2.93
C HIS A 10 8.36 -2.74 -4.07
N GLN A 11 7.82 -3.92 -3.78
CA GLN A 11 7.16 -4.77 -4.76
C GLN A 11 6.20 -4.00 -5.69
N ASP A 12 6.16 -4.44 -6.94
CA ASP A 12 5.28 -3.86 -7.94
C ASP A 12 4.11 -4.80 -8.22
N TYR A 13 3.88 -5.72 -7.31
CA TYR A 13 2.80 -6.68 -7.47
C TYR A 13 1.89 -6.68 -6.24
N CYS A 14 0.63 -7.04 -6.47
CA CYS A 14 -0.36 -7.09 -5.42
C CYS A 14 -0.10 -8.27 -4.49
N GLU A 15 -0.08 -8.01 -3.20
CA GLU A 15 0.10 -9.07 -2.23
C GLU A 15 -1.22 -9.81 -1.98
N VAL A 16 -2.30 -9.28 -2.54
CA VAL A 16 -3.60 -9.92 -2.38
C VAL A 16 -4.00 -10.71 -3.63
N CYS A 17 -3.99 -10.08 -4.79
CA CYS A 17 -4.47 -10.73 -6.00
C CYS A 17 -3.31 -11.12 -6.92
N GLN A 18 -2.12 -10.58 -6.63
CA GLN A 18 -0.91 -10.88 -7.40
C GLN A 18 -0.95 -10.27 -8.79
N GLN A 19 -1.68 -9.18 -8.93
CA GLN A 19 -1.71 -8.43 -10.18
C GLN A 19 -0.83 -7.20 -10.07
N GLY A 20 -0.98 -6.28 -11.02
CA GLY A 20 -0.24 -5.05 -10.99
C GLY A 20 -1.07 -3.90 -11.51
N GLY A 21 -0.56 -2.68 -11.37
CA GLY A 21 -1.30 -1.52 -11.83
C GLY A 21 -1.30 -0.41 -10.79
N GLU A 22 -2.49 0.11 -10.48
CA GLU A 22 -2.63 1.16 -9.49
C GLU A 22 -2.63 0.59 -8.08
N ILE A 23 -1.53 -0.05 -7.71
CA ILE A 23 -1.38 -0.58 -6.38
C ILE A 23 -0.80 0.49 -5.46
N ILE A 24 -1.11 0.41 -4.18
CA ILE A 24 -0.68 1.45 -3.26
C ILE A 24 0.63 1.08 -2.61
N LEU A 25 1.57 2.02 -2.58
CA LEU A 25 2.85 1.80 -1.96
C LEU A 25 2.87 2.40 -0.56
N CYS A 26 2.82 1.53 0.45
CA CYS A 26 2.78 1.94 1.85
C CYS A 26 4.00 2.78 2.24
N ASP A 27 3.80 3.61 3.25
CA ASP A 27 4.87 4.44 3.83
C ASP A 27 5.78 3.60 4.73
N THR A 28 5.16 2.77 5.56
CA THR A 28 5.88 2.11 6.63
C THR A 28 6.45 0.75 6.25
N CYS A 29 5.85 0.09 5.27
CA CYS A 29 6.25 -1.27 4.94
C CYS A 29 6.50 -1.42 3.44
N PRO A 30 7.07 -2.56 3.02
CA PRO A 30 7.29 -2.88 1.62
C PRO A 30 6.09 -3.57 0.98
N ARG A 31 4.93 -3.50 1.61
CA ARG A 31 3.73 -4.10 1.05
C ARG A 31 3.17 -3.24 -0.07
N ALA A 32 2.50 -3.89 -1.01
CA ALA A 32 1.85 -3.20 -2.11
C ALA A 32 0.69 -4.02 -2.62
N TYR A 33 -0.46 -3.39 -2.74
CA TYR A 33 -1.65 -4.05 -3.26
C TYR A 33 -2.64 -3.02 -3.76
N HIS A 34 -3.57 -3.47 -4.60
CA HIS A 34 -4.62 -2.60 -5.13
C HIS A 34 -5.46 -2.04 -4.00
N MET A 35 -6.01 -0.85 -4.23
CA MET A 35 -6.91 -0.24 -3.25
C MET A 35 -8.12 -1.14 -3.05
N VAL A 36 -8.63 -1.67 -4.16
CA VAL A 36 -9.80 -2.53 -4.15
C VAL A 36 -9.48 -3.92 -3.59
N CYS A 37 -8.20 -4.22 -3.43
CA CYS A 37 -7.78 -5.52 -2.93
C CYS A 37 -7.55 -5.46 -1.42
N LEU A 38 -7.02 -4.36 -0.94
CA LEU A 38 -6.80 -4.19 0.49
C LEU A 38 -8.13 -3.94 1.19
N ASP A 39 -8.93 -3.04 0.63
CA ASP A 39 -10.25 -2.73 1.17
C ASP A 39 -11.13 -2.11 0.09
N PRO A 40 -12.12 -2.87 -0.39
CA PRO A 40 -13.02 -2.43 -1.47
C PRO A 40 -14.00 -1.36 -1.00
N ASP A 41 -13.46 -0.30 -0.45
CA ASP A 41 -14.25 0.83 0.05
C ASP A 41 -13.37 2.06 0.19
N MET A 42 -12.10 1.84 0.47
CA MET A 42 -11.14 2.95 0.57
C MET A 42 -10.96 3.60 -0.80
N GLU A 43 -10.97 4.93 -0.82
CA GLU A 43 -10.86 5.67 -2.06
C GLU A 43 -9.65 6.60 -2.04
N LYS A 44 -9.90 7.90 -1.90
CA LYS A 44 -8.85 8.89 -1.94
C LYS A 44 -8.20 9.06 -0.58
N ALA A 45 -7.52 8.00 -0.14
CA ALA A 45 -6.80 8.03 1.12
C ALA A 45 -5.29 8.28 0.91
N PRO A 46 -4.62 7.53 -0.01
CA PRO A 46 -3.17 7.66 -0.23
C PRO A 46 -2.80 8.92 -1.01
N GLU A 47 -3.17 10.08 -0.49
CA GLU A 47 -2.83 11.35 -1.12
C GLU A 47 -1.53 11.90 -0.54
N GLY A 48 -0.52 11.04 -0.46
CA GLY A 48 0.75 11.43 0.11
C GLY A 48 1.14 10.53 1.25
N LYS A 49 0.57 10.76 2.42
CA LYS A 49 0.84 9.95 3.59
C LYS A 49 -0.20 8.83 3.70
N TRP A 50 0.25 7.60 3.62
CA TRP A 50 -0.64 6.46 3.65
C TRP A 50 -0.01 5.29 4.41
N SER A 51 -0.84 4.55 5.12
CA SER A 51 -0.38 3.36 5.82
C SER A 51 -1.37 2.22 5.63
N CYS A 52 -0.88 1.11 5.12
CA CYS A 52 -1.73 -0.03 4.80
C CYS A 52 -2.37 -0.63 6.06
N PRO A 53 -3.54 -1.28 5.89
CA PRO A 53 -4.21 -1.99 6.98
C PRO A 53 -3.38 -3.18 7.47
N HIS A 54 -2.48 -3.64 6.63
CA HIS A 54 -1.61 -4.76 6.97
C HIS A 54 -0.60 -4.33 8.02
N CYS A 55 -0.14 -3.08 7.91
CA CYS A 55 0.78 -2.50 8.89
C CYS A 55 0.15 -2.53 10.28
N GLU A 56 -1.08 -2.03 10.37
CA GLU A 56 -1.79 -1.94 11.63
C GLU A 56 -2.12 -3.33 12.17
N LYS A 57 -2.31 -4.29 11.28
CA LYS A 57 -2.67 -5.64 11.68
C LYS A 57 -1.44 -6.43 12.14
N GLU A 58 -0.34 -6.29 11.41
CA GLU A 58 0.88 -7.03 11.72
C GLU A 58 1.67 -6.35 12.84
N GLY A 59 1.44 -5.06 13.02
CA GLY A 59 2.11 -4.33 14.09
C GLY A 59 3.46 -3.80 13.67
N ILE A 60 4.46 -4.02 14.52
CA ILE A 60 5.80 -3.52 14.25
C ILE A 60 6.84 -4.57 14.60
N GLN A 61 7.71 -4.88 13.65
CA GLN A 61 8.82 -5.77 13.89
C GLN A 61 10.01 -5.37 13.03
ZN ZN B . 2.14 -1.09 5.37
ZN ZN C . -4.87 -6.61 -6.51
N GLY A 1 7.96 0.44 -11.61
CA GLY A 1 8.87 1.53 -12.01
C GLY A 1 10.21 1.43 -11.30
N PRO A 2 11.27 2.02 -11.87
CA PRO A 2 12.60 2.02 -11.26
C PRO A 2 12.66 2.95 -10.05
N LEU A 3 13.23 2.44 -8.96
CA LEU A 3 13.39 3.19 -7.73
C LEU A 3 12.05 3.72 -7.22
N GLY A 4 11.10 2.80 -7.04
CA GLY A 4 9.82 3.17 -6.46
C GLY A 4 9.91 3.25 -4.95
N SER A 5 10.60 4.26 -4.48
CA SER A 5 10.89 4.40 -3.07
C SER A 5 9.78 5.12 -2.31
N TYR A 6 9.14 4.40 -1.40
CA TYR A 6 8.26 4.99 -0.41
C TYR A 6 8.79 4.60 0.95
N GLU A 7 9.77 5.38 1.42
CA GLU A 7 10.59 5.01 2.59
C GLU A 7 11.51 3.85 2.23
N THR A 8 10.91 2.73 1.86
CA THR A 8 11.66 1.56 1.43
C THR A 8 11.21 1.14 0.03
N ASP A 9 11.99 0.29 -0.61
CA ASP A 9 11.66 -0.19 -1.94
C ASP A 9 10.61 -1.29 -1.87
N HIS A 10 9.74 -1.34 -2.86
CA HIS A 10 8.71 -2.37 -2.92
C HIS A 10 8.33 -2.70 -4.35
N GLN A 11 7.62 -3.81 -4.48
CA GLN A 11 7.25 -4.37 -5.78
C GLN A 11 6.27 -3.47 -6.52
N ASP A 12 6.09 -3.75 -7.81
CA ASP A 12 5.16 -3.03 -8.66
C ASP A 12 3.90 -3.85 -8.92
N TYR A 13 3.75 -4.95 -8.20
CA TYR A 13 2.60 -5.82 -8.38
C TYR A 13 1.95 -6.13 -7.05
N CYS A 14 0.67 -6.48 -7.11
CA CYS A 14 -0.10 -6.79 -5.92
C CYS A 14 0.35 -8.13 -5.35
N GLU A 15 0.45 -8.20 -4.03
CA GLU A 15 0.77 -9.45 -3.37
C GLU A 15 -0.51 -10.25 -3.11
N VAL A 16 -1.66 -9.61 -3.28
CA VAL A 16 -2.94 -10.27 -3.05
C VAL A 16 -3.55 -10.78 -4.35
N CYS A 17 -3.64 -9.90 -5.34
CA CYS A 17 -4.17 -10.28 -6.64
C CYS A 17 -3.06 -10.79 -7.55
N GLN A 18 -1.83 -10.43 -7.20
CA GLN A 18 -0.65 -10.76 -8.00
C GLN A 18 -0.79 -10.18 -9.40
N GLN A 19 -1.24 -8.93 -9.45
CA GLN A 19 -1.50 -8.26 -10.72
C GLN A 19 -0.90 -6.86 -10.69
N GLY A 20 -0.90 -6.20 -11.85
CA GLY A 20 -0.39 -4.85 -11.94
C GLY A 20 -1.48 -3.81 -11.79
N GLY A 21 -1.25 -2.62 -12.31
CA GLY A 21 -2.21 -1.55 -12.17
C GLY A 21 -1.81 -0.57 -11.10
N GLU A 22 -2.74 0.30 -10.69
CA GLU A 22 -2.45 1.30 -9.68
C GLU A 22 -2.60 0.72 -8.28
N ILE A 23 -1.52 0.13 -7.81
CA ILE A 23 -1.48 -0.45 -6.47
C ILE A 23 -1.11 0.61 -5.45
N ILE A 24 -1.33 0.32 -4.17
CA ILE A 24 -0.98 1.27 -3.13
C ILE A 24 0.33 0.83 -2.49
N LEU A 25 1.21 1.78 -2.24
CA LEU A 25 2.50 1.50 -1.66
C LEU A 25 2.54 1.98 -0.22
N CYS A 26 2.55 1.04 0.73
CA CYS A 26 2.69 1.38 2.14
C CYS A 26 3.99 2.12 2.37
N ASP A 27 3.93 3.17 3.18
CA ASP A 27 5.11 3.93 3.56
C ASP A 27 5.98 3.14 4.50
N THR A 28 5.39 2.13 5.12
CA THR A 28 6.09 1.39 6.15
C THR A 28 6.38 -0.05 5.73
N CYS A 29 5.74 -0.49 4.65
CA CYS A 29 5.93 -1.85 4.17
C CYS A 29 6.64 -1.88 2.82
N PRO A 30 7.43 -2.93 2.59
CA PRO A 30 7.99 -3.21 1.28
C PRO A 30 7.03 -4.02 0.42
N ARG A 31 5.73 -3.81 0.66
CA ARG A 31 4.69 -4.55 -0.03
C ARG A 31 4.03 -3.70 -1.11
N ALA A 32 3.07 -4.29 -1.79
CA ALA A 32 2.30 -3.60 -2.81
C ALA A 32 1.00 -4.34 -3.07
N TYR A 33 -0.10 -3.61 -3.02
CA TYR A 33 -1.42 -4.16 -3.32
C TYR A 33 -2.40 -3.05 -3.63
N HIS A 34 -3.44 -3.39 -4.38
CA HIS A 34 -4.49 -2.43 -4.74
C HIS A 34 -5.29 -2.04 -3.49
N MET A 35 -6.18 -1.08 -3.65
CA MET A 35 -7.06 -0.65 -2.57
C MET A 35 -8.13 -1.72 -2.28
N VAL A 36 -8.57 -2.40 -3.32
CA VAL A 36 -9.69 -3.33 -3.22
C VAL A 36 -9.33 -4.60 -2.48
N CYS A 37 -8.07 -4.99 -2.56
CA CYS A 37 -7.57 -6.19 -1.90
C CYS A 37 -7.50 -5.99 -0.40
N LEU A 38 -7.35 -4.73 0.00
CA LEU A 38 -7.46 -4.36 1.40
C LEU A 38 -8.94 -4.32 1.80
N ASP A 39 -9.70 -3.55 1.04
CA ASP A 39 -11.14 -3.43 1.22
C ASP A 39 -11.75 -2.60 0.09
N PRO A 40 -12.68 -3.19 -0.68
CA PRO A 40 -13.35 -2.48 -1.77
C PRO A 40 -14.13 -1.27 -1.28
N ASP A 41 -14.53 -1.31 -0.02
CA ASP A 41 -15.34 -0.23 0.57
C ASP A 41 -14.46 0.78 1.28
N MET A 42 -13.14 0.60 1.18
CA MET A 42 -12.20 1.54 1.76
C MET A 42 -12.30 2.88 1.05
N GLU A 43 -12.82 3.88 1.76
CA GLU A 43 -13.05 5.18 1.18
C GLU A 43 -11.99 6.17 1.63
N LYS A 44 -10.74 5.84 1.32
CA LYS A 44 -9.61 6.70 1.66
C LYS A 44 -8.49 6.47 0.66
N ALA A 45 -7.86 7.54 0.23
CA ALA A 45 -6.78 7.47 -0.75
C ALA A 45 -5.42 7.55 -0.04
N PRO A 46 -4.33 7.18 -0.73
CA PRO A 46 -2.97 7.30 -0.18
C PRO A 46 -2.51 8.76 -0.11
N GLU A 47 -3.25 9.56 0.66
CA GLU A 47 -2.98 10.97 0.81
C GLU A 47 -1.89 11.21 1.85
N GLY A 48 -0.74 11.67 1.38
CA GLY A 48 0.36 11.98 2.27
C GLY A 48 1.04 10.74 2.83
N LYS A 49 0.97 10.57 4.13
CA LYS A 49 1.56 9.41 4.78
C LYS A 49 0.57 8.26 4.83
N TRP A 50 0.81 7.24 4.02
CA TRP A 50 -0.12 6.12 3.91
C TRP A 50 0.50 4.86 4.47
N SER A 51 0.02 4.44 5.63
CA SER A 51 0.37 3.13 6.15
C SER A 51 -0.75 2.16 5.80
N CYS A 52 -0.39 1.01 5.28
CA CYS A 52 -1.35 0.00 4.87
C CYS A 52 -2.26 -0.40 6.04
N PRO A 53 -3.44 -0.97 5.72
CA PRO A 53 -4.36 -1.49 6.74
C PRO A 53 -3.75 -2.64 7.53
N HIS A 54 -2.78 -3.32 6.91
CA HIS A 54 -2.10 -4.44 7.56
C HIS A 54 -1.21 -3.90 8.68
N CYS A 55 -0.64 -2.72 8.47
CA CYS A 55 0.15 -2.04 9.47
C CYS A 55 -0.70 -1.73 10.69
N GLU A 56 -1.87 -1.16 10.45
CA GLU A 56 -2.80 -0.82 11.53
C GLU A 56 -3.20 -2.07 12.31
N LYS A 57 -3.34 -3.18 11.59
CA LYS A 57 -3.68 -4.46 12.20
C LYS A 57 -2.60 -4.90 13.18
N GLU A 58 -1.35 -4.79 12.78
CA GLU A 58 -0.23 -5.24 13.60
C GLU A 58 0.10 -4.21 14.68
N GLY A 59 -0.18 -2.95 14.39
CA GLY A 59 0.10 -1.89 15.33
C GLY A 59 1.16 -0.95 14.80
N ILE A 60 1.37 0.15 15.50
CA ILE A 60 2.33 1.15 15.06
C ILE A 60 3.42 1.33 16.11
N GLN A 61 4.49 0.57 15.96
CA GLN A 61 5.63 0.65 16.85
C GLN A 61 6.89 0.24 16.10
ZN ZN B . 2.26 -1.42 6.05
ZN ZN C . -4.74 -6.36 -5.49
N GLY A 1 4.45 9.22 -1.97
CA GLY A 1 3.81 9.68 -3.23
C GLY A 1 4.10 8.74 -4.37
N PRO A 2 3.58 9.00 -5.58
CA PRO A 2 3.76 8.13 -6.73
C PRO A 2 5.02 8.46 -7.55
N LEU A 3 5.73 9.51 -7.16
CA LEU A 3 6.87 9.99 -7.93
C LEU A 3 8.19 9.55 -7.30
N GLY A 4 8.36 8.24 -7.14
CA GLY A 4 9.61 7.71 -6.65
C GLY A 4 9.71 7.72 -5.13
N SER A 5 9.38 8.86 -4.53
CA SER A 5 9.46 9.00 -3.08
C SER A 5 8.20 8.47 -2.40
N TYR A 6 8.31 7.28 -1.80
CA TYR A 6 7.22 6.72 -1.02
C TYR A 6 7.74 5.98 0.19
N GLU A 7 8.86 5.27 0.01
CA GLU A 7 9.45 4.48 1.08
C GLU A 7 10.90 4.13 0.70
N THR A 8 11.17 2.85 0.51
CA THR A 8 12.49 2.38 0.09
C THR A 8 12.41 1.83 -1.33
N ASP A 9 11.22 1.96 -1.92
CA ASP A 9 10.87 1.32 -3.19
C ASP A 9 10.78 -0.19 -3.00
N HIS A 10 9.57 -0.71 -2.98
CA HIS A 10 9.35 -2.11 -2.67
C HIS A 10 8.65 -2.82 -3.82
N GLN A 11 8.04 -3.97 -3.53
CA GLN A 11 7.41 -4.81 -4.54
C GLN A 11 6.42 -4.01 -5.41
N ASP A 12 6.41 -4.34 -6.69
CA ASP A 12 5.49 -3.71 -7.63
C ASP A 12 4.46 -4.73 -8.10
N TYR A 13 3.81 -5.36 -7.13
CA TYR A 13 2.76 -6.32 -7.42
C TYR A 13 1.87 -6.51 -6.20
N CYS A 14 0.64 -6.89 -6.45
CA CYS A 14 -0.35 -7.13 -5.41
C CYS A 14 -0.03 -8.40 -4.64
N GLU A 15 -0.05 -8.32 -3.33
CA GLU A 15 0.09 -9.52 -2.52
C GLU A 15 -1.27 -10.18 -2.32
N VAL A 16 -2.31 -9.51 -2.82
CA VAL A 16 -3.67 -10.03 -2.69
C VAL A 16 -4.15 -10.68 -3.99
N CYS A 17 -4.06 -9.96 -5.11
CA CYS A 17 -4.52 -10.49 -6.38
C CYS A 17 -3.36 -10.84 -7.30
N GLN A 18 -2.17 -10.36 -6.92
CA GLN A 18 -0.92 -10.67 -7.61
C GLN A 18 -0.80 -9.96 -8.96
N GLN A 19 -1.63 -8.96 -9.17
CA GLN A 19 -1.52 -8.13 -10.36
C GLN A 19 -0.60 -6.95 -10.09
N GLY A 20 -0.63 -5.96 -10.97
CA GLY A 20 0.16 -4.76 -10.79
C GLY A 20 -0.57 -3.54 -11.30
N GLY A 21 0.13 -2.42 -11.36
CA GLY A 21 -0.49 -1.22 -11.90
C GLY A 21 -0.88 -0.23 -10.82
N GLU A 22 -2.19 -0.09 -10.62
CA GLU A 22 -2.72 0.88 -9.67
C GLU A 22 -2.68 0.32 -8.25
N ILE A 23 -1.52 -0.17 -7.85
CA ILE A 23 -1.33 -0.67 -6.50
C ILE A 23 -0.85 0.44 -5.61
N ILE A 24 -1.17 0.35 -4.33
CA ILE A 24 -0.80 1.38 -3.39
C ILE A 24 0.47 0.98 -2.66
N LEU A 25 1.49 1.81 -2.75
CA LEU A 25 2.74 1.56 -2.07
C LEU A 25 2.70 2.16 -0.67
N CYS A 26 2.71 1.29 0.33
CA CYS A 26 2.74 1.72 1.73
C CYS A 26 3.96 2.58 2.00
N ASP A 27 3.85 3.45 3.00
CA ASP A 27 4.95 4.34 3.33
C ASP A 27 5.87 3.70 4.37
N THR A 28 5.42 2.61 4.99
CA THR A 28 6.16 2.02 6.09
C THR A 28 6.65 0.60 5.78
N CYS A 29 5.87 -0.18 5.03
CA CYS A 29 6.24 -1.55 4.77
C CYS A 29 6.44 -1.80 3.28
N PRO A 30 7.04 -2.96 2.92
CA PRO A 30 7.28 -3.31 1.52
C PRO A 30 6.04 -3.85 0.80
N ARG A 31 4.87 -3.68 1.39
CA ARG A 31 3.63 -4.20 0.81
C ARG A 31 3.16 -3.36 -0.36
N ALA A 32 2.37 -3.99 -1.21
CA ALA A 32 1.76 -3.32 -2.35
C ALA A 32 0.53 -4.08 -2.79
N TYR A 33 -0.58 -3.37 -2.91
CA TYR A 33 -1.81 -3.96 -3.39
C TYR A 33 -2.77 -2.89 -3.88
N HIS A 34 -3.71 -3.28 -4.73
CA HIS A 34 -4.71 -2.37 -5.26
C HIS A 34 -5.66 -1.92 -4.14
N MET A 35 -6.26 -0.75 -4.30
CA MET A 35 -7.25 -0.26 -3.34
C MET A 35 -8.42 -1.23 -3.21
N VAL A 36 -8.80 -1.82 -4.34
CA VAL A 36 -9.89 -2.79 -4.37
C VAL A 36 -9.52 -4.06 -3.59
N CYS A 37 -8.29 -4.52 -3.81
CA CYS A 37 -7.80 -5.72 -3.16
C CYS A 37 -7.50 -5.48 -1.68
N LEU A 38 -7.24 -4.21 -1.35
CA LEU A 38 -7.09 -3.78 0.03
C LEU A 38 -8.37 -4.05 0.82
N ASP A 39 -9.47 -3.58 0.25
CA ASP A 39 -10.79 -3.72 0.85
C ASP A 39 -11.84 -3.35 -0.17
N PRO A 40 -12.89 -4.16 -0.31
CA PRO A 40 -13.98 -3.90 -1.26
C PRO A 40 -14.61 -2.52 -1.07
N ASP A 41 -14.58 -2.02 0.17
CA ASP A 41 -15.19 -0.73 0.50
C ASP A 41 -14.12 0.30 0.82
N MET A 42 -12.88 0.02 0.42
CA MET A 42 -11.77 0.92 0.66
C MET A 42 -11.95 2.22 -0.11
N GLU A 43 -12.19 3.30 0.61
CA GLU A 43 -12.37 4.61 -0.01
C GLU A 43 -11.49 5.66 0.66
N LYS A 44 -10.31 5.23 1.08
CA LYS A 44 -9.36 6.13 1.71
C LYS A 44 -8.27 6.50 0.72
N ALA A 45 -8.44 7.64 0.05
CA ALA A 45 -7.50 8.09 -0.97
C ALA A 45 -6.09 8.24 -0.41
N PRO A 46 -5.09 7.67 -1.09
CA PRO A 46 -3.70 7.68 -0.65
C PRO A 46 -2.97 8.97 -1.02
N GLU A 47 -3.70 10.06 -1.04
CA GLU A 47 -3.13 11.36 -1.36
C GLU A 47 -2.61 12.03 -0.11
N GLY A 48 -1.49 11.52 0.39
CA GLY A 48 -0.89 12.04 1.59
C GLY A 48 -0.18 10.97 2.37
N LYS A 49 -0.20 11.09 3.70
CA LYS A 49 0.39 10.07 4.55
C LYS A 49 -0.45 8.80 4.53
N TRP A 50 0.06 7.76 3.87
CA TRP A 50 -0.68 6.53 3.71
C TRP A 50 0.09 5.33 4.24
N SER A 51 -0.39 4.80 5.35
CA SER A 51 0.12 3.54 5.88
C SER A 51 -0.96 2.48 5.78
N CYS A 52 -0.60 1.32 5.27
CA CYS A 52 -1.55 0.24 5.08
C CYS A 52 -2.13 -0.24 6.42
N PRO A 53 -3.30 -0.87 6.38
CA PRO A 53 -3.90 -1.49 7.57
C PRO A 53 -3.13 -2.73 8.01
N HIS A 54 -2.24 -3.22 7.15
CA HIS A 54 -1.44 -4.39 7.47
C HIS A 54 -0.39 -4.03 8.49
N CYS A 55 0.21 -2.86 8.30
CA CYS A 55 1.17 -2.30 9.23
C CYS A 55 0.60 -2.25 10.64
N GLU A 56 -0.63 -1.76 10.74
CA GLU A 56 -1.30 -1.61 12.02
C GLU A 56 -1.75 -2.96 12.58
N LYS A 57 -2.24 -3.84 11.70
CA LYS A 57 -2.79 -5.12 12.13
C LYS A 57 -1.71 -6.08 12.59
N GLU A 58 -0.56 -6.06 11.91
CA GLU A 58 0.51 -6.99 12.23
C GLU A 58 1.20 -6.63 13.54
N GLY A 59 1.08 -5.37 13.94
CA GLY A 59 1.65 -4.94 15.20
C GLY A 59 2.62 -3.80 15.02
N ILE A 60 2.72 -2.96 16.05
CA ILE A 60 3.57 -1.78 15.99
C ILE A 60 4.89 -2.01 16.70
N GLN A 61 4.94 -3.04 17.51
CA GLN A 61 6.16 -3.37 18.25
C GLN A 61 6.80 -4.62 17.66
ZN ZN B . 2.25 -1.11 5.48
ZN ZN C . -4.74 -6.31 -6.72
N GLY A 1 11.87 18.93 -1.68
CA GLY A 1 10.56 18.86 -2.36
C GLY A 1 9.91 17.51 -2.16
N PRO A 2 8.87 17.19 -2.94
CA PRO A 2 8.18 15.90 -2.85
C PRO A 2 9.08 14.74 -3.26
N LEU A 3 9.30 13.82 -2.32
CA LEU A 3 10.10 12.64 -2.61
C LEU A 3 9.24 11.57 -3.25
N GLY A 4 7.98 11.51 -2.83
CA GLY A 4 7.06 10.52 -3.36
C GLY A 4 6.04 10.11 -2.34
N SER A 5 4.95 9.48 -2.81
CA SER A 5 3.88 9.04 -1.92
C SER A 5 4.20 7.67 -1.29
N TYR A 6 5.45 7.50 -0.90
CA TYR A 6 5.91 6.26 -0.28
C TYR A 6 7.30 6.48 0.30
N GLU A 7 7.80 5.48 1.02
CA GLU A 7 9.12 5.58 1.62
C GLU A 7 9.98 4.39 1.24
N THR A 8 9.76 3.29 1.92
CA THR A 8 10.53 2.07 1.72
C THR A 8 10.31 1.51 0.32
N ASP A 9 11.36 0.98 -0.29
CA ASP A 9 11.23 0.31 -1.57
C ASP A 9 10.46 -0.99 -1.42
N HIS A 10 9.75 -1.36 -2.47
CA HIS A 10 8.82 -2.48 -2.40
C HIS A 10 8.63 -3.14 -3.76
N GLN A 11 7.59 -3.95 -3.86
CA GLN A 11 7.32 -4.68 -5.09
C GLN A 11 6.57 -3.82 -6.09
N ASP A 12 6.29 -4.38 -7.26
CA ASP A 12 5.60 -3.67 -8.32
C ASP A 12 4.22 -4.27 -8.58
N TYR A 13 3.94 -5.36 -7.88
CA TYR A 13 2.69 -6.08 -8.07
C TYR A 13 1.93 -6.22 -6.75
N CYS A 14 0.62 -6.38 -6.85
CA CYS A 14 -0.23 -6.61 -5.70
C CYS A 14 -0.01 -8.03 -5.19
N GLU A 15 0.27 -8.18 -3.91
CA GLU A 15 0.50 -9.50 -3.35
C GLU A 15 -0.80 -10.28 -3.22
N VAL A 16 -1.92 -9.58 -3.35
CA VAL A 16 -3.23 -10.20 -3.22
C VAL A 16 -3.73 -10.70 -4.58
N CYS A 17 -3.66 -9.86 -5.61
CA CYS A 17 -4.11 -10.24 -6.95
C CYS A 17 -2.97 -10.82 -7.78
N GLN A 18 -1.75 -10.53 -7.37
CA GLN A 18 -0.55 -10.92 -8.11
C GLN A 18 -0.49 -10.18 -9.45
N GLN A 19 -1.02 -8.97 -9.45
CA GLN A 19 -1.06 -8.14 -10.65
C GLN A 19 -0.66 -6.71 -10.29
N GLY A 20 -0.20 -5.96 -11.26
CA GLY A 20 0.19 -4.59 -11.01
C GLY A 20 -0.94 -3.63 -11.30
N GLY A 21 -0.59 -2.38 -11.58
CA GLY A 21 -1.59 -1.40 -11.94
C GLY A 21 -1.83 -0.39 -10.85
N GLU A 22 -3.08 -0.26 -10.43
CA GLU A 22 -3.48 0.72 -9.42
C GLU A 22 -3.28 0.17 -8.02
N ILE A 23 -2.03 -0.14 -7.69
CA ILE A 23 -1.69 -0.64 -6.38
C ILE A 23 -1.24 0.50 -5.48
N ILE A 24 -1.35 0.29 -4.17
CA ILE A 24 -0.90 1.30 -3.22
C ILE A 24 0.42 0.89 -2.62
N LEU A 25 1.21 1.88 -2.22
CA LEU A 25 2.53 1.61 -1.69
C LEU A 25 2.67 2.19 -0.29
N CYS A 26 2.62 1.31 0.71
CA CYS A 26 2.76 1.71 2.10
C CYS A 26 4.09 2.43 2.34
N ASP A 27 4.03 3.50 3.13
CA ASP A 27 5.23 4.19 3.56
C ASP A 27 6.08 3.28 4.43
N THR A 28 5.41 2.40 5.15
CA THR A 28 6.07 1.61 6.17
C THR A 28 6.32 0.18 5.72
N CYS A 29 5.70 -0.23 4.62
CA CYS A 29 5.81 -1.61 4.15
C CYS A 29 6.62 -1.71 2.86
N PRO A 30 7.31 -2.84 2.70
CA PRO A 30 7.92 -3.23 1.44
C PRO A 30 6.95 -4.07 0.61
N ARG A 31 5.67 -3.75 0.73
CA ARG A 31 4.62 -4.49 0.03
C ARG A 31 3.92 -3.59 -0.97
N ALA A 32 3.00 -4.18 -1.74
CA ALA A 32 2.19 -3.43 -2.70
C ALA A 32 0.93 -4.22 -3.03
N TYR A 33 -0.20 -3.52 -3.03
CA TYR A 33 -1.50 -4.11 -3.33
C TYR A 33 -2.52 -3.04 -3.66
N HIS A 34 -3.53 -3.38 -4.46
CA HIS A 34 -4.56 -2.42 -4.85
C HIS A 34 -5.39 -2.02 -3.63
N MET A 35 -6.19 -0.98 -3.78
CA MET A 35 -6.98 -0.46 -2.66
C MET A 35 -8.06 -1.45 -2.24
N VAL A 36 -8.61 -2.17 -3.20
CA VAL A 36 -9.76 -3.02 -2.97
C VAL A 36 -9.38 -4.35 -2.29
N CYS A 37 -8.17 -4.80 -2.54
CA CYS A 37 -7.64 -6.04 -1.97
C CYS A 37 -7.22 -5.81 -0.53
N LEU A 38 -6.93 -4.56 -0.22
CA LEU A 38 -6.56 -4.16 1.12
C LEU A 38 -7.74 -4.32 2.07
N ASP A 39 -8.85 -3.72 1.70
CA ASP A 39 -10.05 -3.73 2.52
C ASP A 39 -11.25 -3.37 1.67
N PRO A 40 -12.35 -4.14 1.80
CA PRO A 40 -13.58 -3.92 1.03
C PRO A 40 -14.08 -2.47 1.10
N ASP A 41 -13.84 -1.81 2.23
CA ASP A 41 -14.28 -0.43 2.41
C ASP A 41 -13.10 0.48 2.76
N MET A 42 -11.96 0.22 2.13
CA MET A 42 -10.80 1.08 2.31
C MET A 42 -10.94 2.33 1.44
N GLU A 43 -11.18 3.47 2.07
CA GLU A 43 -11.42 4.71 1.35
C GLU A 43 -10.27 5.69 1.50
N LYS A 44 -9.26 5.32 2.29
CA LYS A 44 -8.13 6.20 2.54
C LYS A 44 -7.07 6.03 1.46
N ALA A 45 -7.11 6.91 0.46
CA ALA A 45 -6.18 6.89 -0.64
C ALA A 45 -4.81 7.40 -0.20
N PRO A 46 -3.74 7.09 -0.96
CA PRO A 46 -2.37 7.51 -0.63
C PRO A 46 -2.13 8.99 -0.91
N GLU A 47 -2.96 9.84 -0.33
CA GLU A 47 -2.84 11.27 -0.47
C GLU A 47 -2.19 11.85 0.78
N GLY A 48 -0.87 11.95 0.74
CA GLY A 48 -0.11 12.35 1.90
C GLY A 48 0.71 11.20 2.43
N LYS A 49 0.80 11.08 3.74
CA LYS A 49 1.46 9.94 4.35
C LYS A 49 0.51 8.77 4.42
N TRP A 50 0.91 7.63 3.87
CA TRP A 50 0.03 6.49 3.76
C TRP A 50 0.61 5.27 4.45
N SER A 51 -0.07 4.80 5.48
CA SER A 51 0.26 3.55 6.12
C SER A 51 -0.87 2.56 5.86
N CYS A 52 -0.51 1.42 5.30
CA CYS A 52 -1.49 0.42 4.88
C CYS A 52 -2.37 -0.05 6.03
N PRO A 53 -3.57 -0.57 5.70
CA PRO A 53 -4.46 -1.21 6.68
C PRO A 53 -3.82 -2.43 7.32
N HIS A 54 -2.85 -3.02 6.63
CA HIS A 54 -2.13 -4.18 7.14
C HIS A 54 -1.28 -3.77 8.33
N CYS A 55 -0.70 -2.59 8.24
CA CYS A 55 0.08 -2.01 9.32
C CYS A 55 -0.78 -1.84 10.58
N GLU A 56 -2.02 -1.45 10.38
CA GLU A 56 -2.94 -1.27 11.49
C GLU A 56 -3.32 -2.62 12.10
N LYS A 57 -3.44 -3.64 11.24
CA LYS A 57 -3.83 -4.97 11.69
C LYS A 57 -2.67 -5.67 12.39
N GLU A 58 -1.49 -5.64 11.78
CA GLU A 58 -0.33 -6.33 12.32
C GLU A 58 0.34 -5.53 13.44
N GLY A 59 0.12 -4.22 13.42
CA GLY A 59 0.74 -3.37 14.40
C GLY A 59 -0.27 -2.65 15.26
N ILE A 60 -0.94 -3.40 16.13
CA ILE A 60 -1.90 -2.82 17.05
C ILE A 60 -1.18 -2.18 18.22
N GLN A 61 -1.01 -0.87 18.14
CA GLN A 61 -0.26 -0.12 19.14
C GLN A 61 -1.07 0.04 20.41
ZN ZN B . 2.10 -1.12 5.96
ZN ZN C . -4.95 -6.32 -5.80
N GLY A 1 9.53 16.36 -3.18
CA GLY A 1 8.56 17.01 -4.11
C GLY A 1 7.34 16.13 -4.34
N PRO A 2 6.65 16.32 -5.48
CA PRO A 2 5.47 15.51 -5.83
C PRO A 2 5.83 14.07 -6.17
N LEU A 3 6.14 13.29 -5.14
CA LEU A 3 6.41 11.88 -5.30
C LEU A 3 5.82 11.13 -4.12
N GLY A 4 4.81 11.73 -3.51
CA GLY A 4 4.22 11.21 -2.29
C GLY A 4 3.25 10.07 -2.54
N SER A 5 3.58 9.20 -3.48
CA SER A 5 2.79 8.02 -3.73
C SER A 5 3.38 6.83 -2.99
N TYR A 6 4.62 7.01 -2.53
CA TYR A 6 5.32 5.97 -1.79
C TYR A 6 6.57 6.56 -1.12
N GLU A 7 6.99 5.93 -0.04
CA GLU A 7 8.19 6.34 0.66
C GLU A 7 9.27 5.29 0.51
N THR A 8 9.15 4.21 1.26
CA THR A 8 10.07 3.10 1.20
C THR A 8 9.84 2.31 -0.08
N ASP A 9 10.91 1.82 -0.69
CA ASP A 9 10.79 1.01 -1.90
C ASP A 9 10.26 -0.37 -1.56
N HIS A 10 9.57 -0.99 -2.49
CA HIS A 10 8.76 -2.16 -2.19
C HIS A 10 8.54 -3.02 -3.40
N GLN A 11 7.90 -4.16 -3.17
CA GLN A 11 7.34 -4.94 -4.25
C GLN A 11 6.35 -4.06 -5.03
N ASP A 12 6.42 -4.11 -6.34
CA ASP A 12 5.55 -3.28 -7.15
C ASP A 12 4.48 -4.15 -7.78
N TYR A 13 3.89 -5.00 -6.95
CA TYR A 13 2.80 -5.86 -7.35
C TYR A 13 1.87 -6.12 -6.17
N CYS A 14 0.61 -6.34 -6.47
CA CYS A 14 -0.42 -6.56 -5.46
C CYS A 14 -0.25 -7.94 -4.82
N GLU A 15 -0.08 -7.97 -3.51
CA GLU A 15 0.10 -9.23 -2.79
C GLU A 15 -1.25 -9.94 -2.60
N VAL A 16 -2.33 -9.28 -3.00
CA VAL A 16 -3.66 -9.85 -2.83
C VAL A 16 -4.07 -10.65 -4.06
N CYS A 17 -3.98 -10.06 -5.24
CA CYS A 17 -4.40 -10.74 -6.45
C CYS A 17 -3.19 -11.14 -7.31
N GLN A 18 -2.01 -10.74 -6.86
CA GLN A 18 -0.74 -11.18 -7.43
C GLN A 18 -0.54 -10.71 -8.87
N GLN A 19 -0.60 -9.39 -9.07
CA GLN A 19 -0.29 -8.79 -10.36
C GLN A 19 -0.01 -7.30 -10.17
N GLY A 20 0.47 -6.66 -11.22
CA GLY A 20 0.76 -5.24 -11.14
C GLY A 20 -0.43 -4.39 -11.52
N GLY A 21 -0.31 -3.09 -11.33
CA GLY A 21 -1.37 -2.18 -11.69
C GLY A 21 -1.42 -0.97 -10.81
N GLU A 22 -2.59 -0.38 -10.70
CA GLU A 22 -2.79 0.79 -9.85
C GLU A 22 -2.95 0.35 -8.39
N ILE A 23 -1.83 -0.03 -7.80
CA ILE A 23 -1.79 -0.50 -6.43
C ILE A 23 -1.40 0.62 -5.51
N ILE A 24 -1.69 0.48 -4.23
CA ILE A 24 -1.27 1.45 -3.25
C ILE A 24 0.03 1.00 -2.64
N LEU A 25 0.93 1.94 -2.45
CA LEU A 25 2.25 1.61 -1.97
C LEU A 25 2.45 2.14 -0.57
N CYS A 26 2.47 1.22 0.39
CA CYS A 26 2.69 1.56 1.80
C CYS A 26 3.94 2.42 1.96
N ASP A 27 3.85 3.39 2.84
CA ASP A 27 4.96 4.31 3.05
C ASP A 27 5.86 3.81 4.18
N THR A 28 5.43 2.75 4.85
CA THR A 28 6.16 2.24 6.00
C THR A 28 6.84 0.91 5.69
N CYS A 29 6.13 -0.01 5.03
CA CYS A 29 6.70 -1.31 4.71
C CYS A 29 6.81 -1.51 3.21
N PRO A 30 7.65 -2.46 2.77
CA PRO A 30 7.78 -2.80 1.37
C PRO A 30 6.62 -3.67 0.85
N ARG A 31 5.40 -3.17 1.00
CA ARG A 31 4.23 -3.87 0.49
C ARG A 31 3.51 -3.08 -0.57
N ALA A 32 2.63 -3.74 -1.30
CA ALA A 32 1.83 -3.11 -2.33
C ALA A 32 0.61 -3.96 -2.65
N TYR A 33 -0.54 -3.33 -2.74
CA TYR A 33 -1.75 -3.99 -3.19
C TYR A 33 -2.82 -3.00 -3.64
N HIS A 34 -3.72 -3.46 -4.49
CA HIS A 34 -4.82 -2.65 -5.01
C HIS A 34 -5.74 -2.17 -3.87
N MET A 35 -6.38 -1.03 -4.06
CA MET A 35 -7.37 -0.54 -3.11
C MET A 35 -8.56 -1.48 -3.03
N VAL A 36 -8.99 -1.93 -4.21
CA VAL A 36 -10.11 -2.86 -4.31
C VAL A 36 -9.78 -4.19 -3.63
N CYS A 37 -8.54 -4.65 -3.80
CA CYS A 37 -8.09 -5.89 -3.20
C CYS A 37 -7.88 -5.73 -1.70
N LEU A 38 -7.53 -4.53 -1.29
CA LEU A 38 -7.33 -4.21 0.11
C LEU A 38 -8.66 -4.21 0.86
N ASP A 39 -9.61 -3.44 0.35
CA ASP A 39 -10.91 -3.31 0.97
C ASP A 39 -11.92 -2.79 -0.03
N PRO A 40 -13.02 -3.53 -0.26
CA PRO A 40 -14.07 -3.14 -1.20
C PRO A 40 -14.75 -1.84 -0.78
N ASP A 41 -14.64 -1.50 0.49
CA ASP A 41 -15.26 -0.28 1.02
C ASP A 41 -14.26 0.87 1.05
N MET A 42 -12.99 0.54 0.91
CA MET A 42 -11.91 1.52 1.02
C MET A 42 -11.99 2.56 -0.09
N GLU A 43 -12.17 3.81 0.30
CA GLU A 43 -12.17 4.91 -0.65
C GLU A 43 -11.29 6.05 -0.14
N LYS A 44 -10.76 5.88 1.06
CA LYS A 44 -9.89 6.89 1.66
C LYS A 44 -8.63 7.09 0.83
N ALA A 45 -8.22 8.34 0.68
CA ALA A 45 -7.09 8.67 -0.17
C ALA A 45 -5.77 8.55 0.58
N PRO A 46 -4.78 7.87 -0.01
CA PRO A 46 -3.42 7.82 0.52
C PRO A 46 -2.66 9.11 0.24
N GLU A 47 -2.73 10.04 1.18
CA GLU A 47 -2.16 11.37 0.99
C GLU A 47 -0.76 11.45 1.58
N GLY A 48 0.18 10.77 0.95
CA GLY A 48 1.57 10.82 1.39
C GLY A 48 1.84 9.86 2.53
N LYS A 49 1.29 10.17 3.70
CA LYS A 49 1.44 9.31 4.85
C LYS A 49 0.33 8.28 4.87
N TRP A 50 0.65 7.07 4.45
CA TRP A 50 -0.32 6.01 4.33
C TRP A 50 0.28 4.69 4.76
N SER A 51 -0.12 4.21 5.92
CA SER A 51 0.29 2.91 6.38
C SER A 51 -0.72 1.87 5.93
N CYS A 52 -0.23 0.84 5.25
CA CYS A 52 -1.11 -0.22 4.79
C CYS A 52 -1.88 -0.84 5.95
N PRO A 53 -3.10 -1.35 5.67
CA PRO A 53 -3.92 -2.06 6.66
C PRO A 53 -3.25 -3.34 7.17
N HIS A 54 -2.08 -3.64 6.63
CA HIS A 54 -1.27 -4.73 7.15
C HIS A 54 -0.42 -4.21 8.29
N CYS A 55 0.26 -3.10 8.04
CA CYS A 55 1.09 -2.44 9.04
C CYS A 55 0.30 -2.16 10.31
N GLU A 56 -0.79 -1.43 10.16
CA GLU A 56 -1.60 -0.97 11.29
C GLU A 56 -2.20 -2.15 12.06
N LYS A 57 -2.46 -3.25 11.35
CA LYS A 57 -3.04 -4.44 11.99
C LYS A 57 -1.96 -5.33 12.60
N GLU A 58 -0.87 -5.51 11.86
CA GLU A 58 0.24 -6.34 12.33
C GLU A 58 0.92 -5.69 13.53
N GLY A 59 0.86 -4.37 13.62
CA GLY A 59 1.32 -3.70 14.80
C GLY A 59 2.53 -2.80 14.57
N ILE A 60 2.31 -1.68 13.91
CA ILE A 60 3.34 -0.67 13.76
C ILE A 60 3.33 0.25 14.97
N GLN A 61 4.29 1.17 15.03
CA GLN A 61 4.38 2.12 16.12
C GLN A 61 4.63 3.52 15.58
ZN ZN B . 2.75 -1.46 5.41
ZN ZN C . -4.93 -6.66 -6.66
N GLY A 1 17.36 9.26 -0.37
CA GLY A 1 18.15 9.23 -1.62
C GLY A 1 17.33 8.73 -2.80
N PRO A 2 17.86 8.83 -4.03
CA PRO A 2 17.15 8.44 -5.25
C PRO A 2 17.07 6.93 -5.42
N LEU A 3 16.30 6.28 -4.56
CA LEU A 3 16.09 4.85 -4.64
C LEU A 3 14.78 4.48 -3.96
N GLY A 4 14.49 5.11 -2.83
CA GLY A 4 13.26 4.83 -2.12
C GLY A 4 12.24 5.92 -2.29
N SER A 5 11.59 5.93 -3.45
CA SER A 5 10.56 6.92 -3.76
C SER A 5 9.45 6.89 -2.71
N TYR A 6 9.01 5.70 -2.35
CA TYR A 6 8.03 5.54 -1.30
C TYR A 6 8.70 5.02 -0.03
N GLU A 7 9.95 5.47 0.16
CA GLU A 7 10.75 5.18 1.35
C GLU A 7 11.29 3.76 1.29
N THR A 8 10.39 2.82 1.34
CA THR A 8 10.73 1.42 1.32
C THR A 8 10.86 0.92 -0.12
N ASP A 9 11.89 0.12 -0.38
CA ASP A 9 12.02 -0.55 -1.66
C ASP A 9 11.04 -1.71 -1.72
N HIS A 10 10.10 -1.63 -2.65
CA HIS A 10 9.06 -2.65 -2.74
C HIS A 10 8.59 -2.85 -4.16
N GLN A 11 7.96 -4.00 -4.37
CA GLN A 11 7.36 -4.37 -5.64
C GLN A 11 6.34 -3.33 -6.13
N ASP A 12 5.98 -3.42 -7.40
CA ASP A 12 4.96 -2.54 -7.96
C ASP A 12 3.75 -3.36 -8.41
N TYR A 13 3.71 -4.62 -8.00
CA TYR A 13 2.60 -5.49 -8.32
C TYR A 13 1.88 -5.89 -7.05
N CYS A 14 0.62 -6.25 -7.18
CA CYS A 14 -0.19 -6.63 -6.04
C CYS A 14 0.23 -8.01 -5.53
N GLU A 15 0.38 -8.13 -4.23
CA GLU A 15 0.70 -9.41 -3.63
C GLU A 15 -0.57 -10.22 -3.38
N VAL A 16 -1.70 -9.53 -3.34
CA VAL A 16 -2.98 -10.19 -3.07
C VAL A 16 -3.59 -10.72 -4.36
N CYS A 17 -3.69 -9.86 -5.37
CA CYS A 17 -4.20 -10.29 -6.66
C CYS A 17 -3.08 -10.94 -7.47
N GLN A 18 -1.85 -10.55 -7.15
CA GLN A 18 -0.66 -11.01 -7.87
C GLN A 18 -0.70 -10.54 -9.33
N GLN A 19 -1.29 -9.38 -9.53
CA GLN A 19 -1.38 -8.79 -10.85
C GLN A 19 -0.48 -7.56 -10.93
N GLY A 20 -1.05 -6.39 -10.72
CA GLY A 20 -0.29 -5.16 -10.79
C GLY A 20 -1.16 -3.99 -11.16
N GLY A 21 -0.53 -2.87 -11.51
CA GLY A 21 -1.28 -1.71 -11.93
C GLY A 21 -1.39 -0.66 -10.85
N GLU A 22 -2.60 -0.15 -10.65
CA GLU A 22 -2.86 0.89 -9.67
C GLU A 22 -2.94 0.32 -8.26
N ILE A 23 -1.78 0.12 -7.66
CA ILE A 23 -1.69 -0.43 -6.32
C ILE A 23 -1.27 0.65 -5.33
N ILE A 24 -1.41 0.37 -4.04
CA ILE A 24 -1.03 1.33 -3.03
C ILE A 24 0.20 0.83 -2.28
N LEU A 25 1.25 1.63 -2.29
CA LEU A 25 2.48 1.27 -1.61
C LEU A 25 2.52 1.86 -0.22
N CYS A 26 2.64 1.01 0.78
CA CYS A 26 2.86 1.48 2.15
C CYS A 26 4.21 2.18 2.23
N ASP A 27 4.27 3.24 3.02
CA ASP A 27 5.53 3.97 3.19
C ASP A 27 6.44 3.20 4.13
N THR A 28 5.82 2.33 4.91
CA THR A 28 6.53 1.66 5.99
C THR A 28 6.67 0.16 5.74
N CYS A 29 6.01 -0.35 4.71
CA CYS A 29 6.07 -1.77 4.40
C CYS A 29 6.71 -2.02 3.05
N PRO A 30 7.27 -3.23 2.86
CA PRO A 30 7.72 -3.71 1.56
C PRO A 30 6.57 -4.39 0.82
N ARG A 31 5.36 -4.03 1.22
CA ARG A 31 4.16 -4.61 0.64
C ARG A 31 3.66 -3.78 -0.52
N ALA A 32 2.80 -4.37 -1.34
CA ALA A 32 2.18 -3.67 -2.45
C ALA A 32 0.92 -4.39 -2.91
N TYR A 33 -0.19 -3.68 -2.88
CA TYR A 33 -1.48 -4.24 -3.26
C TYR A 33 -2.45 -3.12 -3.59
N HIS A 34 -3.52 -3.44 -4.32
CA HIS A 34 -4.54 -2.46 -4.64
C HIS A 34 -5.34 -2.12 -3.39
N MET A 35 -6.19 -1.09 -3.49
CA MET A 35 -7.05 -0.69 -2.38
C MET A 35 -8.16 -1.72 -2.15
N VAL A 36 -8.60 -2.36 -3.22
CA VAL A 36 -9.75 -3.26 -3.17
C VAL A 36 -9.41 -4.59 -2.49
N CYS A 37 -8.17 -5.02 -2.62
CA CYS A 37 -7.69 -6.26 -2.02
C CYS A 37 -7.43 -6.07 -0.54
N LEU A 38 -7.15 -4.82 -0.17
CA LEU A 38 -6.98 -4.46 1.22
C LEU A 38 -8.27 -4.72 1.98
N ASP A 39 -9.35 -4.16 1.45
CA ASP A 39 -10.68 -4.33 2.02
C ASP A 39 -11.71 -3.75 1.07
N PRO A 40 -12.83 -4.46 0.84
CA PRO A 40 -13.90 -3.98 -0.05
C PRO A 40 -14.57 -2.71 0.47
N ASP A 41 -14.39 -2.43 1.75
CA ASP A 41 -14.95 -1.24 2.37
C ASP A 41 -13.90 -0.14 2.46
N MET A 42 -12.64 -0.52 2.27
CA MET A 42 -11.52 0.41 2.35
C MET A 42 -11.64 1.49 1.29
N GLU A 43 -11.97 2.69 1.71
CA GLU A 43 -12.19 3.79 0.79
C GLU A 43 -11.45 5.04 1.26
N LYS A 44 -10.14 4.91 1.41
CA LYS A 44 -9.31 6.03 1.81
C LYS A 44 -8.03 6.05 0.99
N ALA A 45 -8.02 6.91 -0.02
CA ALA A 45 -6.88 7.04 -0.92
C ALA A 45 -5.62 7.49 -0.18
N PRO A 46 -4.43 7.20 -0.74
CA PRO A 46 -3.15 7.59 -0.13
C PRO A 46 -2.98 9.11 -0.06
N GLU A 47 -3.54 9.70 0.98
CA GLU A 47 -3.52 11.14 1.16
C GLU A 47 -2.19 11.60 1.77
N GLY A 48 -1.15 11.62 0.96
CA GLY A 48 0.15 12.08 1.42
C GLY A 48 0.88 11.02 2.23
N LYS A 49 0.76 11.09 3.55
CA LYS A 49 1.33 10.09 4.41
C LYS A 49 0.39 8.90 4.52
N TRP A 50 0.70 7.86 3.79
CA TRP A 50 -0.13 6.67 3.76
C TRP A 50 0.65 5.47 4.25
N SER A 51 0.17 4.90 5.34
CA SER A 51 0.67 3.63 5.82
C SER A 51 -0.45 2.61 5.65
N CYS A 52 -0.10 1.45 5.12
CA CYS A 52 -1.08 0.43 4.80
C CYS A 52 -1.97 0.08 6.01
N PRO A 53 -3.22 -0.32 5.73
CA PRO A 53 -4.12 -0.85 6.77
C PRO A 53 -3.57 -2.12 7.40
N HIS A 54 -2.66 -2.79 6.69
CA HIS A 54 -2.01 -3.99 7.20
C HIS A 54 -1.19 -3.63 8.43
N CYS A 55 -0.51 -2.49 8.34
CA CYS A 55 0.27 -1.93 9.45
C CYS A 55 -0.57 -1.94 10.74
N GLU A 56 -1.70 -1.25 10.68
CA GLU A 56 -2.57 -1.09 11.84
C GLU A 56 -3.12 -2.44 12.30
N LYS A 57 -3.66 -3.22 11.37
CA LYS A 57 -4.31 -4.47 11.69
C LYS A 57 -3.32 -5.51 12.23
N GLU A 58 -2.10 -5.48 11.72
CA GLU A 58 -1.07 -6.43 12.13
C GLU A 58 -0.39 -5.99 13.42
N GLY A 59 -0.38 -4.68 13.66
CA GLY A 59 0.25 -4.14 14.83
C GLY A 59 1.23 -3.03 14.50
N ILE A 60 0.75 -1.80 14.58
CA ILE A 60 1.57 -0.65 14.25
C ILE A 60 2.63 -0.41 15.31
N GLN A 61 3.88 -0.32 14.88
CA GLN A 61 4.97 -0.01 15.77
C GLN A 61 5.81 1.10 15.18
ZN ZN B . 2.38 -0.96 6.26
ZN ZN C . -4.85 -6.30 -5.69
N GLY A 1 0.03 16.60 -3.73
CA GLY A 1 1.22 17.37 -4.18
C GLY A 1 1.50 17.16 -5.65
N PRO A 2 2.68 17.58 -6.13
CA PRO A 2 3.07 17.39 -7.54
C PRO A 2 3.10 15.91 -7.94
N LEU A 3 3.59 15.07 -7.04
CA LEU A 3 3.61 13.64 -7.28
C LEU A 3 3.45 12.90 -5.96
N GLY A 4 4.57 12.63 -5.29
CA GLY A 4 4.52 11.93 -4.03
C GLY A 4 5.67 10.97 -3.87
N SER A 5 6.19 10.86 -2.67
CA SER A 5 7.26 9.95 -2.36
C SER A 5 6.74 8.81 -1.48
N TYR A 6 7.36 7.64 -1.57
CA TYR A 6 6.89 6.48 -0.82
C TYR A 6 8.05 5.59 -0.40
N GLU A 7 8.15 5.36 0.91
CA GLU A 7 9.15 4.48 1.52
C GLU A 7 10.50 4.49 0.78
N THR A 8 10.81 3.40 0.10
CA THR A 8 12.05 3.29 -0.64
C THR A 8 11.80 2.75 -2.06
N ASP A 9 10.53 2.72 -2.46
CA ASP A 9 10.11 2.08 -3.72
C ASP A 9 10.31 0.57 -3.62
N HIS A 10 9.21 -0.17 -3.63
CA HIS A 10 9.26 -1.62 -3.41
C HIS A 10 8.51 -2.37 -4.51
N GLN A 11 8.02 -3.59 -4.18
CA GLN A 11 7.38 -4.47 -5.16
C GLN A 11 6.35 -3.75 -6.03
N ASP A 12 6.28 -4.16 -7.28
CA ASP A 12 5.41 -3.53 -8.27
C ASP A 12 4.15 -4.37 -8.49
N TYR A 13 4.04 -5.45 -7.73
CA TYR A 13 2.90 -6.35 -7.87
C TYR A 13 2.12 -6.43 -6.57
N CYS A 14 0.81 -6.66 -6.70
CA CYS A 14 -0.07 -6.83 -5.56
C CYS A 14 0.17 -8.19 -4.91
N GLU A 15 0.31 -8.19 -3.60
CA GLU A 15 0.53 -9.43 -2.86
C GLU A 15 -0.79 -10.19 -2.66
N VAL A 16 -1.90 -9.55 -3.02
CA VAL A 16 -3.22 -10.16 -2.85
C VAL A 16 -3.75 -10.73 -4.17
N CYS A 17 -3.75 -9.91 -5.22
CA CYS A 17 -4.29 -10.33 -6.51
C CYS A 17 -3.18 -10.84 -7.42
N GLN A 18 -1.94 -10.52 -7.05
CA GLN A 18 -0.76 -10.88 -7.83
C GLN A 18 -0.80 -10.23 -9.21
N GLN A 19 -1.04 -8.92 -9.20
CA GLN A 19 -1.13 -8.16 -10.44
C GLN A 19 -0.52 -6.79 -10.25
N GLY A 20 -0.24 -6.11 -11.35
CA GLY A 20 0.34 -4.78 -11.27
C GLY A 20 -0.64 -3.71 -11.67
N GLY A 21 -0.17 -2.47 -11.77
CA GLY A 21 -1.04 -1.38 -12.17
C GLY A 21 -1.31 -0.42 -11.02
N GLU A 22 -2.59 -0.21 -10.73
CA GLU A 22 -2.99 0.72 -9.69
C GLU A 22 -2.91 0.10 -8.31
N ILE A 23 -1.69 -0.17 -7.86
CA ILE A 23 -1.45 -0.68 -6.53
C ILE A 23 -0.97 0.46 -5.63
N ILE A 24 -1.13 0.30 -4.33
CA ILE A 24 -0.73 1.32 -3.39
C ILE A 24 0.61 0.94 -2.75
N LEU A 25 1.49 1.91 -2.58
CA LEU A 25 2.79 1.64 -1.96
C LEU A 25 2.83 2.21 -0.54
N CYS A 26 2.87 1.31 0.42
CA CYS A 26 2.94 1.68 1.83
C CYS A 26 4.26 2.39 2.16
N ASP A 27 4.22 3.26 3.15
CA ASP A 27 5.43 3.86 3.70
C ASP A 27 6.01 2.96 4.77
N THR A 28 5.16 2.15 5.34
CA THR A 28 5.50 1.44 6.56
C THR A 28 5.98 0.01 6.29
N CYS A 29 5.60 -0.56 5.15
CA CYS A 29 6.08 -1.88 4.77
C CYS A 29 6.47 -1.89 3.29
N PRO A 30 7.25 -2.89 2.86
CA PRO A 30 7.62 -3.05 1.46
C PRO A 30 6.50 -3.73 0.65
N ARG A 31 5.35 -3.87 1.27
CA ARG A 31 4.21 -4.51 0.62
C ARG A 31 3.60 -3.61 -0.43
N ALA A 32 2.86 -4.20 -1.34
CA ALA A 32 2.14 -3.47 -2.36
C ALA A 32 0.90 -4.24 -2.78
N TYR A 33 -0.21 -3.54 -2.84
CA TYR A 33 -1.46 -4.12 -3.31
C TYR A 33 -2.42 -3.02 -3.71
N HIS A 34 -3.43 -3.37 -4.49
CA HIS A 34 -4.44 -2.41 -4.92
C HIS A 34 -5.24 -1.93 -3.72
N MET A 35 -6.07 -0.93 -3.95
CA MET A 35 -6.99 -0.45 -2.93
C MET A 35 -8.16 -1.41 -2.75
N VAL A 36 -8.53 -2.10 -3.83
CA VAL A 36 -9.71 -2.94 -3.84
C VAL A 36 -9.51 -4.23 -3.05
N CYS A 37 -8.29 -4.73 -3.02
CA CYS A 37 -7.97 -5.96 -2.30
C CYS A 37 -8.09 -5.73 -0.81
N LEU A 38 -7.67 -4.54 -0.38
CA LEU A 38 -7.83 -4.11 1.01
C LEU A 38 -9.31 -4.02 1.36
N ASP A 39 -10.02 -3.25 0.55
CA ASP A 39 -11.46 -3.08 0.69
C ASP A 39 -11.97 -2.10 -0.36
N PRO A 40 -12.95 -2.52 -1.18
CA PRO A 40 -13.56 -1.64 -2.18
C PRO A 40 -14.26 -0.45 -1.54
N ASP A 41 -14.57 -0.59 -0.25
CA ASP A 41 -15.24 0.47 0.49
C ASP A 41 -14.24 1.32 1.26
N MET A 42 -12.95 1.05 1.06
CA MET A 42 -11.90 1.85 1.68
C MET A 42 -11.64 3.10 0.86
N GLU A 43 -12.03 4.24 1.42
CA GLU A 43 -11.95 5.50 0.70
C GLU A 43 -10.93 6.43 1.36
N LYS A 44 -9.71 5.94 1.54
CA LYS A 44 -8.64 6.75 2.08
C LYS A 44 -7.43 6.71 1.15
N ALA A 45 -7.46 7.57 0.13
CA ALA A 45 -6.42 7.59 -0.89
C ALA A 45 -5.09 8.02 -0.30
N PRO A 46 -3.98 7.47 -0.85
CA PRO A 46 -2.62 7.79 -0.40
C PRO A 46 -2.19 9.20 -0.80
N GLU A 47 -2.40 10.14 0.11
CA GLU A 47 -2.02 11.53 -0.15
C GLU A 47 -1.18 12.07 1.00
N GLY A 48 0.09 11.74 0.99
CA GLY A 48 0.99 12.18 2.05
C GLY A 48 1.41 11.02 2.93
N LYS A 49 0.73 10.85 4.04
CA LYS A 49 1.00 9.75 4.95
C LYS A 49 -0.01 8.63 4.74
N TRP A 50 0.43 7.52 4.17
CA TRP A 50 -0.45 6.39 3.94
C TRP A 50 0.13 5.14 4.60
N SER A 51 -0.64 4.57 5.50
CA SER A 51 -0.29 3.31 6.12
C SER A 51 -1.30 2.25 5.70
N CYS A 52 -0.81 1.14 5.17
CA CYS A 52 -1.67 0.05 4.76
C CYS A 52 -2.44 -0.49 5.96
N PRO A 53 -3.62 -1.09 5.73
CA PRO A 53 -4.43 -1.69 6.78
C PRO A 53 -3.70 -2.83 7.49
N HIS A 54 -2.64 -3.34 6.86
CA HIS A 54 -1.89 -4.45 7.42
C HIS A 54 -0.96 -3.94 8.51
N CYS A 55 -0.18 -2.91 8.19
CA CYS A 55 0.79 -2.34 9.12
C CYS A 55 0.14 -1.99 10.46
N GLU A 56 -1.02 -1.37 10.39
CA GLU A 56 -1.73 -0.92 11.58
C GLU A 56 -2.08 -2.10 12.51
N LYS A 57 -2.49 -3.23 11.94
CA LYS A 57 -2.90 -4.37 12.74
C LYS A 57 -1.72 -5.27 13.10
N GLU A 58 -0.86 -5.53 12.12
CA GLU A 58 0.21 -6.51 12.26
C GLU A 58 1.29 -6.03 13.22
N GLY A 59 1.25 -4.76 13.57
CA GLY A 59 2.16 -4.25 14.58
C GLY A 59 3.39 -3.58 14.01
N ILE A 60 4.04 -2.77 14.83
CA ILE A 60 5.21 -2.01 14.38
C ILE A 60 6.43 -2.37 15.23
N GLN A 61 6.18 -3.11 16.31
CA GLN A 61 7.25 -3.53 17.21
C GLN A 61 7.56 -5.00 16.99
ZN ZN B . 2.18 -1.42 5.33
ZN ZN C . -4.77 -6.37 -5.45
#